data_8AEW
#
_entry.id   8AEW
#
_cell.length_a   54.761
_cell.length_b   86.787
_cell.length_c   260.489
_cell.angle_alpha   90.00
_cell.angle_beta   90.00
_cell.angle_gamma   90.00
#
_symmetry.space_group_name_H-M   'P 21 21 21'
#
_entity_poly.entity_id   1
_entity_poly.type   'polypeptide(L)'
_entity_poly.pdbx_seq_one_letter_code
;MSGTGRLAGKIALITGGAGNIGSELTRRFLAEGATVIISGRNRAKLTALAERMQAEAGVPAKRIDLEVMDGSDPVAVRAG
IEAIVARHGQIDILVNNAGSAGAQRRLAEIPLTEAELGPGAEETLHASIANLLGMGWHLMRIAAPHMPVGSAVINVSTIF
SRAEYYGRIPYVTPKAALNALSQLAARELGARGIRVNTIFPGPIESDRIRTVFQRMDQLKGRPEGDTAHHFLNTMRLCRA
NDQGALERRFPSVGDVADAAVFLASAESAALSGETIEVTHGMELPACSETSLLARTDLRTIDASGRTTLICAGDQIEEVM
ALTGMLRTCGSEVIIGFRSAAALAQFEQAVNESRRLAGADFTPPIALPLDPRDPATIDAVFDWAGENTGGIHAAVILPAT
SHEPAPCVIEVDDERVLNFLADEITGTIVIASRLARYWQSQRLTPGARARGPRVIFLSNGADQNGNVYGRIQSAAIGQLI
RVWRHEAELDYQRASAAGDHVLPPVWANQIVRFANRSLEGLEFACAWTAQLLHSQRHINEITLNIPANI
;
_entity_poly.pdbx_strand_id   B,A
#
# COMPACT_ATOMS: atom_id res chain seq x y z
N THR A 4 -4.45 18.30 33.92
CA THR A 4 -3.23 17.56 34.22
C THR A 4 -2.43 17.16 32.92
N GLY A 5 -3.14 17.10 31.78
CA GLY A 5 -2.57 16.89 30.46
C GLY A 5 -2.53 15.42 30.07
N ARG A 6 -2.37 15.17 28.77
CA ARG A 6 -2.60 13.83 28.25
C ARG A 6 -1.41 12.89 28.39
N LEU A 7 -0.22 13.42 28.66
CA LEU A 7 0.96 12.58 28.85
C LEU A 7 1.47 12.64 30.28
N ALA A 8 0.58 12.98 31.22
CA ALA A 8 0.94 13.24 32.60
C ALA A 8 1.67 12.07 33.24
N GLY A 9 2.88 12.35 33.75
CA GLY A 9 3.66 11.36 34.45
C GLY A 9 4.49 10.50 33.55
N LYS A 10 4.50 10.78 32.28
CA LYS A 10 5.16 9.89 31.35
C LYS A 10 6.55 10.45 31.07
N ILE A 11 7.51 9.53 30.93
CA ILE A 11 8.91 9.89 30.71
C ILE A 11 9.20 9.72 29.23
N ALA A 12 9.49 10.82 28.54
CA ALA A 12 9.77 10.83 27.11
C ALA A 12 11.23 11.20 26.84
N LEU A 13 11.93 10.34 26.08
CA LEU A 13 13.23 10.65 25.51
C LEU A 13 13.03 11.09 24.06
N ILE A 14 13.48 12.30 23.74
CA ILE A 14 13.30 12.86 22.40
C ILE A 14 14.68 13.11 21.82
N THR A 15 15.00 12.42 20.72
CA THR A 15 16.23 12.73 20.01
C THR A 15 15.93 13.80 18.97
N GLY A 16 16.98 14.34 18.36
CA GLY A 16 16.77 15.45 17.46
C GLY A 16 16.06 16.60 18.15
N GLY A 17 16.43 16.88 19.41
CA GLY A 17 15.76 17.90 20.19
C GLY A 17 15.83 19.31 19.61
N ALA A 18 16.91 19.64 18.91
CA ALA A 18 17.00 20.95 18.26
C ALA A 18 16.12 20.96 17.00
N GLY A 19 16.12 22.08 16.29
CA GLY A 19 15.31 22.19 15.07
C GLY A 19 13.81 22.29 15.30
N ASN A 20 13.07 22.83 14.32
CA ASN A 20 11.65 23.12 14.50
C ASN A 20 10.85 21.96 15.08
N ILE A 21 10.81 20.83 14.39
CA ILE A 21 9.94 19.76 14.84
C ILE A 21 10.37 19.21 16.21
N GLY A 22 11.66 18.99 16.40
CA GLY A 22 12.12 18.46 17.68
C GLY A 22 11.84 19.38 18.84
N SER A 23 11.91 20.69 18.60
CA SER A 23 11.63 21.65 19.65
C SER A 23 10.15 21.70 19.98
N GLU A 24 9.31 21.79 18.95
CA GLU A 24 7.87 21.85 19.20
C GLU A 24 7.38 20.58 19.87
N LEU A 25 7.98 19.42 19.57
CA LEU A 25 7.64 18.22 20.32
C LEU A 25 8.04 18.32 21.79
N THR A 26 9.14 19.00 22.09
CA THR A 26 9.55 19.10 23.49
C THR A 26 8.57 19.96 24.29
N ARG A 27 8.26 21.15 23.77
CA ARG A 27 7.35 22.07 24.45
C ARG A 27 5.97 21.46 24.62
N ARG A 28 5.48 20.77 23.58
CA ARG A 28 4.17 20.17 23.66
C ARG A 28 4.12 19.01 24.65
N PHE A 29 5.14 18.16 24.65
CA PHE A 29 5.08 17.08 25.63
C PHE A 29 5.12 17.62 27.05
N LEU A 30 5.84 18.73 27.26
CA LEU A 30 5.87 19.37 28.58
C LEU A 30 4.48 19.87 28.98
N ALA A 31 3.75 20.45 28.02
CA ALA A 31 2.40 20.94 28.26
C ALA A 31 1.41 19.83 28.58
N GLU A 32 1.63 18.62 28.10
CA GLU A 32 0.74 17.52 28.44
C GLU A 32 1.21 16.78 29.70
N GLY A 33 2.12 17.36 30.48
CA GLY A 33 2.44 16.76 31.76
C GLY A 33 3.51 15.70 31.75
N ALA A 34 4.22 15.53 30.65
CA ALA A 34 5.34 14.59 30.60
C ALA A 34 6.59 15.21 31.19
N THR A 35 7.53 14.36 31.61
CA THR A 35 8.90 14.79 31.87
C THR A 35 9.76 14.36 30.67
N VAL A 36 10.29 15.34 29.93
CA VAL A 36 11.01 15.09 28.70
C VAL A 36 12.51 15.13 28.97
N ILE A 37 13.24 14.15 28.43
CA ILE A 37 14.69 14.17 28.36
C ILE A 37 15.06 14.42 26.92
N ILE A 38 15.76 15.48 26.63
CA ILE A 38 16.20 15.74 25.27
C ILE A 38 17.63 15.22 25.11
N SER A 39 17.87 14.59 23.97
CA SER A 39 19.12 13.86 23.73
C SER A 39 19.86 14.55 22.60
N GLY A 40 21.17 14.73 22.75
CA GLY A 40 21.90 15.52 21.77
C GLY A 40 23.42 15.43 21.89
N ARG A 41 24.09 16.14 20.98
CA ARG A 41 25.54 16.04 20.86
C ARG A 41 26.31 17.13 21.62
N ASN A 42 25.79 18.37 21.72
CA ASN A 42 26.52 19.47 22.34
C ASN A 42 25.88 19.84 23.66
N ARG A 43 26.66 19.81 24.74
CA ARG A 43 26.07 20.05 26.06
C ARG A 43 25.60 21.49 26.21
N ALA A 44 26.24 22.43 25.52
CA ALA A 44 25.74 23.80 25.57
C ALA A 44 24.41 23.92 24.84
N LYS A 45 24.26 23.23 23.72
CA LYS A 45 23.00 23.31 22.98
C LYS A 45 21.85 22.68 23.77
N LEU A 46 22.11 21.53 24.39
CA LEU A 46 21.08 20.86 25.19
C LEU A 46 20.72 21.68 26.42
N THR A 47 21.72 22.16 27.18
CA THR A 47 21.43 23.02 28.32
C THR A 47 20.75 24.31 27.89
N ALA A 48 21.14 24.86 26.73
CA ALA A 48 20.42 26.00 26.19
C ALA A 48 19.01 25.64 25.81
N LEU A 49 18.83 24.49 25.15
CA LEU A 49 17.50 24.04 24.77
C LEU A 49 16.60 23.86 25.99
N ALA A 50 17.14 23.24 27.05
CA ALA A 50 16.32 22.99 28.23
C ALA A 50 15.84 24.27 28.90
N GLU A 51 16.71 25.28 29.02
CA GLU A 51 16.29 26.52 29.64
C GLU A 51 15.23 27.26 28.84
N ARG A 52 15.40 27.38 27.52
CA ARG A 52 14.40 28.10 26.74
C ARG A 52 13.05 27.40 26.83
N MET A 53 13.02 26.08 26.66
CA MET A 53 11.76 25.36 26.63
C MET A 53 11.19 25.16 28.02
N GLN A 54 12.05 25.14 29.03
CA GLN A 54 11.60 25.28 30.41
C GLN A 54 10.83 26.59 30.57
N ALA A 55 11.41 27.69 30.07
CA ALA A 55 10.72 28.97 30.11
C ALA A 55 9.48 28.96 29.23
N GLU A 56 9.59 28.35 28.03
CA GLU A 56 8.47 28.29 27.10
C GLU A 56 7.30 27.47 27.65
N ALA A 57 7.58 26.33 28.25
CA ALA A 57 6.50 25.50 28.80
C ALA A 57 5.87 26.11 30.06
N GLY A 58 6.60 26.90 30.83
CA GLY A 58 6.08 27.38 32.11
C GLY A 58 5.87 26.25 33.08
N VAL A 59 6.83 25.34 33.13
CA VAL A 59 6.74 24.05 33.83
C VAL A 59 7.88 23.95 34.82
N PRO A 60 7.73 23.21 35.96
CA PRO A 60 8.86 23.04 36.89
C PRO A 60 10.16 22.56 36.27
N ALA A 61 11.27 22.79 36.99
CA ALA A 61 12.60 22.47 36.47
C ALA A 61 12.86 20.96 36.40
N LYS A 62 12.47 20.21 37.43
CA LYS A 62 12.77 18.78 37.42
C LYS A 62 12.01 18.06 36.32
N ARG A 63 11.14 18.78 35.60
CA ARG A 63 10.35 18.24 34.52
C ARG A 63 11.14 18.10 33.23
N ILE A 64 12.30 18.75 33.13
CA ILE A 64 13.18 18.72 31.96
C ILE A 64 14.54 18.14 32.33
N ASP A 65 15.17 17.46 31.36
CA ASP A 65 16.45 16.79 31.56
C ASP A 65 17.15 16.60 30.20
N LEU A 66 18.46 16.32 30.23
CA LEU A 66 19.21 16.09 29.02
C LEU A 66 20.23 14.97 29.21
N GLU A 67 20.53 14.27 28.12
CA GLU A 67 21.60 13.28 28.07
C GLU A 67 22.48 13.61 26.88
N VAL A 68 23.77 13.77 27.11
CA VAL A 68 24.73 14.11 26.06
C VAL A 68 25.36 12.81 25.57
N MET A 69 25.11 12.48 24.31
CA MET A 69 25.58 11.20 23.81
C MET A 69 25.76 11.30 22.29
N ASP A 70 26.59 10.40 21.74
CA ASP A 70 26.74 10.23 20.30
C ASP A 70 25.79 9.12 19.87
N GLY A 71 24.62 9.52 19.37
CA GLY A 71 23.58 8.55 19.06
C GLY A 71 23.95 7.51 18.04
N SER A 72 25.06 7.73 17.30
CA SER A 72 25.58 6.76 16.34
C SER A 72 26.32 5.61 17.01
N ASP A 73 26.94 5.86 18.15
CA ASP A 73 27.74 4.85 18.84
C ASP A 73 26.85 4.01 19.77
N PRO A 74 26.66 2.71 19.49
CA PRO A 74 25.87 1.86 20.41
C PRO A 74 26.49 1.70 21.79
N VAL A 75 27.81 1.80 21.92
CA VAL A 75 28.39 1.73 23.25
C VAL A 75 28.14 3.03 24.01
N ALA A 76 28.13 4.16 23.28
CA ALA A 76 27.70 5.42 23.88
C ALA A 76 26.22 5.38 24.28
N VAL A 77 25.40 4.67 23.51
CA VAL A 77 23.97 4.56 23.81
C VAL A 77 23.76 3.72 25.06
N ARG A 78 24.51 2.64 25.21
CA ARG A 78 24.36 1.86 26.43
C ARG A 78 24.69 2.72 27.64
N ALA A 79 25.79 3.48 27.57
CA ALA A 79 26.12 4.40 28.65
C ALA A 79 24.96 5.38 28.90
N GLY A 80 24.47 6.03 27.86
CA GLY A 80 23.49 7.08 28.03
C GLY A 80 22.14 6.57 28.52
N ILE A 81 21.65 5.47 27.95
CA ILE A 81 20.34 4.96 28.36
C ILE A 81 20.37 4.48 29.80
N GLU A 82 21.43 3.77 30.18
CA GLU A 82 21.51 3.26 31.55
C GLU A 82 21.48 4.42 32.55
N ALA A 83 22.20 5.51 32.23
CA ALA A 83 22.18 6.71 33.06
C ALA A 83 20.81 7.37 33.08
N ILE A 84 20.16 7.50 31.90
CA ILE A 84 18.82 8.08 31.87
C ILE A 84 17.89 7.28 32.78
N VAL A 85 17.96 5.95 32.67
CA VAL A 85 17.18 5.09 33.55
C VAL A 85 17.54 5.37 35.02
N ALA A 86 18.82 5.57 35.31
CA ALA A 86 19.22 5.73 36.70
C ALA A 86 18.61 6.99 37.33
N ARG A 87 18.29 8.00 36.52
CA ARG A 87 17.67 9.20 37.06
C ARG A 87 16.15 9.04 37.17
N HIS A 88 15.55 8.31 36.22
CA HIS A 88 14.11 8.32 36.02
C HIS A 88 13.46 6.96 36.16
N GLY A 89 14.23 5.87 36.23
CA GLY A 89 13.69 4.54 36.47
C GLY A 89 13.20 3.81 35.23
N GLN A 90 12.69 4.52 34.24
CA GLN A 90 12.06 3.86 33.12
C GLN A 90 11.92 4.86 31.98
N ILE A 91 11.51 4.34 30.82
CA ILE A 91 11.21 5.13 29.63
C ILE A 91 9.80 4.77 29.17
N ASP A 92 8.95 5.77 28.98
CA ASP A 92 7.60 5.53 28.51
C ASP A 92 7.44 5.80 27.03
N ILE A 93 8.08 6.85 26.55
CA ILE A 93 8.04 7.23 25.14
C ILE A 93 9.47 7.39 24.63
N LEU A 94 9.71 6.86 23.43
CA LEU A 94 10.89 7.12 22.62
C LEU A 94 10.43 7.80 21.36
N VAL A 95 10.93 9.01 21.12
CA VAL A 95 10.66 9.70 19.86
C VAL A 95 11.99 9.77 19.10
N ASN A 96 12.02 9.15 17.93
CA ASN A 96 13.18 9.13 17.04
C ASN A 96 13.04 10.25 16.03
N ASN A 97 13.81 11.33 16.19
CA ASN A 97 13.70 12.48 15.31
C ASN A 97 14.84 12.62 14.32
N ALA A 98 16.10 12.62 14.79
CA ALA A 98 17.28 12.65 13.89
C ALA A 98 17.30 13.87 12.97
N GLY A 99 16.94 13.70 11.72
CA GLY A 99 16.74 14.85 10.86
C GLY A 99 17.95 15.65 10.41
N SER A 100 19.19 15.18 10.63
CA SER A 100 20.31 15.90 10.03
C SER A 100 20.09 15.81 8.53
N ALA A 101 20.47 16.85 7.80
CA ALA A 101 20.03 16.90 6.42
C ALA A 101 20.93 16.19 5.42
N GLY A 102 22.11 15.72 5.84
CA GLY A 102 23.00 14.98 4.95
C GLY A 102 23.83 15.89 4.06
N ALA A 103 24.88 15.30 3.47
CA ALA A 103 25.67 16.05 2.47
C ALA A 103 24.87 16.19 1.19
N GLN A 104 24.83 17.39 0.62
CA GLN A 104 23.95 17.69 -0.50
C GLN A 104 24.73 17.70 -1.82
N ARG A 105 24.93 16.49 -2.36
CA ARG A 105 25.68 16.36 -3.60
C ARG A 105 25.09 15.24 -4.46
N ARG A 106 25.42 15.31 -5.75
CA ARG A 106 25.03 14.27 -6.69
C ARG A 106 25.78 12.99 -6.36
N LEU A 107 25.26 11.88 -6.87
CA LEU A 107 25.77 10.58 -6.46
C LEU A 107 27.26 10.43 -6.76
N ALA A 108 27.74 11.00 -7.88
CA ALA A 108 29.16 10.96 -8.21
C ALA A 108 30.03 11.77 -7.24
N GLU A 109 29.49 12.85 -6.68
CA GLU A 109 30.25 13.80 -5.88
C GLU A 109 30.09 13.61 -4.36
N ILE A 110 29.33 12.60 -3.92
CA ILE A 110 29.02 12.40 -2.49
C ILE A 110 30.30 12.06 -1.72
N PRO A 111 30.53 12.68 -0.56
CA PRO A 111 31.79 12.46 0.17
C PRO A 111 31.85 11.18 0.99
N LEU A 112 33.00 10.50 0.92
CA LEU A 112 33.22 9.23 1.60
C LEU A 112 34.28 9.26 2.69
N THR A 113 35.19 10.21 2.65
CA THR A 113 36.24 10.34 3.65
C THR A 113 36.34 11.80 4.03
N GLU A 114 36.88 12.06 5.22
CA GLU A 114 36.96 13.43 5.74
C GLU A 114 37.70 14.35 4.78
N ALA A 115 38.80 13.87 4.20
CA ALA A 115 39.50 14.63 3.18
C ALA A 115 38.56 14.99 2.02
N GLU A 116 37.72 14.02 1.61
CA GLU A 116 36.82 14.22 0.49
C GLU A 116 35.63 15.12 0.88
N LEU A 117 35.47 15.42 2.16
CA LEU A 117 34.43 16.35 2.57
C LEU A 117 34.70 17.74 2.00
N GLY A 118 33.63 18.47 1.71
CA GLY A 118 33.73 19.80 1.16
C GLY A 118 32.69 20.74 1.74
N PRO A 119 32.71 22.01 1.30
CA PRO A 119 31.74 22.98 1.81
C PRO A 119 30.35 22.70 1.27
N GLY A 120 29.34 22.81 2.14
CA GLY A 120 28.00 22.40 1.77
C GLY A 120 27.78 20.90 1.80
N ALA A 121 28.81 20.11 2.09
CA ALA A 121 28.73 18.66 2.29
C ALA A 121 29.53 18.34 3.54
N GLU A 122 28.87 18.41 4.70
CA GLU A 122 29.53 18.48 6.01
C GLU A 122 29.64 17.12 6.71
N GLU A 123 29.04 16.08 6.15
CA GLU A 123 29.08 14.75 6.74
C GLU A 123 29.60 13.77 5.71
N THR A 124 30.17 12.68 6.21
CA THR A 124 30.46 11.55 5.37
C THR A 124 29.15 10.90 4.94
N LEU A 125 29.21 10.06 3.91
CA LEU A 125 28.09 9.17 3.65
C LEU A 125 27.79 8.32 4.86
N HIS A 126 28.83 7.71 5.44
CA HIS A 126 28.64 6.78 6.53
C HIS A 126 28.07 7.48 7.75
N ALA A 127 28.52 8.72 7.99
CA ALA A 127 27.98 9.53 9.09
C ALA A 127 26.50 9.83 8.90
N SER A 128 26.09 10.20 7.67
CA SER A 128 24.68 10.42 7.41
C SER A 128 23.88 9.16 7.69
N ILE A 129 24.43 8.00 7.34
CA ILE A 129 23.73 6.74 7.62
C ILE A 129 23.71 6.46 9.11
N ALA A 130 24.81 6.75 9.80
CA ALA A 130 24.88 6.45 11.22
C ALA A 130 23.91 7.34 12.00
N ASN A 131 23.66 8.56 11.52
CA ASN A 131 22.70 9.44 12.16
C ASN A 131 21.26 9.07 11.81
N LEU A 132 20.96 8.90 10.53
CA LEU A 132 19.57 8.88 10.10
C LEU A 132 18.93 7.50 10.17
N LEU A 133 19.73 6.42 10.21
CA LEU A 133 19.22 5.06 10.32
C LEU A 133 19.72 4.33 11.55
N GLY A 134 21.03 4.34 11.81
CA GLY A 134 21.56 3.60 12.94
C GLY A 134 21.01 4.08 14.29
N MET A 135 21.01 5.40 14.50
CA MET A 135 20.69 5.93 15.81
C MET A 135 19.31 5.44 16.28
N GLY A 136 18.28 5.63 15.46
CA GLY A 136 16.96 5.13 15.83
C GLY A 136 16.96 3.63 16.04
N TRP A 137 17.76 2.90 15.23
CA TRP A 137 17.87 1.44 15.36
C TRP A 137 18.43 1.07 16.73
N HIS A 138 19.52 1.74 17.14
CA HIS A 138 20.18 1.37 18.39
C HIS A 138 19.34 1.75 19.61
N LEU A 139 18.66 2.91 19.54
CA LEU A 139 17.73 3.28 20.60
C LEU A 139 16.65 2.21 20.76
N MET A 140 16.02 1.83 19.66
CA MET A 140 15.02 0.79 19.74
C MET A 140 15.57 -0.50 20.33
N ARG A 141 16.84 -0.81 20.13
CA ARG A 141 17.32 -2.07 20.70
C ARG A 141 17.69 -1.91 22.16
N ILE A 142 18.32 -0.80 22.52
CA ILE A 142 18.90 -0.67 23.85
C ILE A 142 17.86 -0.16 24.85
N ALA A 143 16.96 0.73 24.43
CA ALA A 143 15.93 1.25 25.33
C ALA A 143 14.85 0.22 25.66
N ALA A 144 14.57 -0.69 24.73
CA ALA A 144 13.45 -1.62 24.87
C ALA A 144 13.41 -2.41 26.18
N PRO A 145 14.51 -2.90 26.74
CA PRO A 145 14.43 -3.56 28.05
C PRO A 145 14.09 -2.62 29.21
N HIS A 146 13.96 -1.33 28.98
CA HIS A 146 13.59 -0.36 30.03
C HIS A 146 12.25 0.31 29.73
N MET A 147 11.48 -0.26 28.82
CA MET A 147 10.18 0.27 28.46
C MET A 147 9.11 -0.69 28.93
N PRO A 148 8.21 -0.26 29.80
CA PRO A 148 7.17 -1.17 30.31
C PRO A 148 6.16 -1.51 29.23
N VAL A 149 5.42 -2.60 29.47
CA VAL A 149 4.31 -2.97 28.59
C VAL A 149 3.37 -1.78 28.46
N GLY A 150 3.06 -1.40 27.24
CA GLY A 150 2.19 -0.26 27.02
C GLY A 150 2.88 0.94 26.47
N SER A 151 4.21 0.90 26.35
CA SER A 151 5.05 2.00 25.88
C SER A 151 4.85 2.27 24.38
N ALA A 152 5.44 3.36 23.92
CA ALA A 152 5.32 3.82 22.53
C ALA A 152 6.69 4.20 21.99
N VAL A 153 7.03 3.69 20.80
CA VAL A 153 8.08 4.26 19.96
C VAL A 153 7.42 5.04 18.84
N ILE A 154 7.85 6.29 18.62
CA ILE A 154 7.46 7.06 17.45
C ILE A 154 8.70 7.30 16.61
N ASN A 155 8.67 6.83 15.36
CA ASN A 155 9.73 7.09 14.40
C ASN A 155 9.23 8.17 13.42
N VAL A 156 9.93 9.29 13.38
CA VAL A 156 9.53 10.43 12.56
C VAL A 156 10.36 10.40 11.28
N SER A 157 9.72 10.05 10.17
CA SER A 157 10.35 10.07 8.86
C SER A 157 9.93 11.34 8.12
N THR A 158 10.13 11.38 6.81
CA THR A 158 9.63 12.48 6.02
C THR A 158 8.86 11.90 4.83
N ILE A 159 7.97 12.71 4.26
CA ILE A 159 7.23 12.28 3.08
C ILE A 159 8.16 12.10 1.91
N PHE A 160 9.29 12.81 1.92
CA PHE A 160 10.22 12.84 0.82
C PHE A 160 11.08 11.58 0.73
N SER A 161 10.98 10.69 1.71
CA SER A 161 11.61 9.38 1.65
C SER A 161 10.98 8.50 0.59
N ARG A 162 10.03 9.05 -0.19
CA ARG A 162 9.45 8.42 -1.36
C ARG A 162 9.50 9.34 -2.57
N ALA A 163 10.24 10.45 -2.48
CA ALA A 163 10.18 11.52 -3.46
C ALA A 163 11.49 11.67 -4.25
N GLU A 164 11.36 12.25 -5.43
CA GLU A 164 12.50 12.56 -6.29
C GLU A 164 13.18 13.83 -5.78
N TYR A 165 14.38 13.69 -5.23
CA TYR A 165 15.09 14.76 -4.53
C TYR A 165 16.51 14.90 -5.05
N TYR A 166 16.72 15.73 -6.07
CA TYR A 166 18.04 15.80 -6.69
C TYR A 166 19.09 16.20 -5.67
N GLY A 167 20.17 15.42 -5.60
CA GLY A 167 21.27 15.65 -4.68
C GLY A 167 21.02 15.29 -3.22
N ARG A 168 19.98 14.54 -2.92
CA ARG A 168 19.63 14.31 -1.54
C ARG A 168 19.72 12.83 -1.17
N ILE A 169 20.56 12.06 -1.85
CA ILE A 169 20.60 10.62 -1.60
C ILE A 169 21.01 10.29 -0.17
N PRO A 170 22.06 10.88 0.42
CA PRO A 170 22.44 10.51 1.79
C PRO A 170 21.34 10.83 2.81
N TYR A 171 20.43 11.77 2.49
CA TYR A 171 19.30 12.02 3.37
C TYR A 171 18.20 10.99 3.14
N VAL A 172 17.74 10.86 1.89
CA VAL A 172 16.46 10.22 1.63
C VAL A 172 16.59 8.68 1.68
N THR A 173 17.80 8.16 1.43
CA THR A 173 17.99 6.71 1.33
C THR A 173 17.98 6.03 2.69
N PRO A 174 18.65 6.53 3.75
CA PRO A 174 18.48 5.91 5.09
C PRO A 174 17.10 6.14 5.72
N LYS A 175 16.37 7.20 5.34
CA LYS A 175 15.00 7.38 5.82
C LYS A 175 14.06 6.29 5.30
N ALA A 176 14.12 6.03 4.00
CA ALA A 176 13.35 4.94 3.44
C ALA A 176 13.71 3.63 4.11
N ALA A 177 14.99 3.46 4.46
CA ALA A 177 15.41 2.24 5.16
C ALA A 177 14.80 2.19 6.55
N LEU A 178 14.80 3.33 7.24
CA LEU A 178 14.27 3.38 8.59
C LEU A 178 12.78 3.06 8.63
N ASN A 179 12.04 3.48 7.60
CA ASN A 179 10.64 3.09 7.47
C ASN A 179 10.46 1.58 7.56
N ALA A 180 11.11 0.85 6.65
CA ALA A 180 11.02 -0.61 6.65
C ALA A 180 11.43 -1.19 7.99
N LEU A 181 12.46 -0.62 8.60
CA LEU A 181 12.91 -1.06 9.92
C LEU A 181 11.80 -0.94 10.96
N SER A 182 11.03 0.14 10.90
CA SER A 182 9.95 0.34 11.85
C SER A 182 8.94 -0.80 11.78
N GLN A 183 8.44 -1.09 10.57
CA GLN A 183 7.44 -2.14 10.40
C GLN A 183 7.88 -3.46 10.98
N LEU A 184 9.12 -3.85 10.69
CA LEU A 184 9.64 -5.14 11.11
C LEU A 184 9.79 -5.22 12.63
N ALA A 185 10.18 -4.11 13.25
CA ALA A 185 10.35 -4.09 14.70
C ALA A 185 9.00 -4.11 15.41
N ALA A 186 7.95 -3.63 14.76
CA ALA A 186 6.64 -3.71 15.35
C ALA A 186 6.28 -5.16 15.70
N ARG A 187 6.66 -6.12 14.85
CA ARG A 187 6.44 -7.53 15.18
C ARG A 187 7.15 -7.89 16.48
N GLU A 188 8.45 -7.59 16.57
CA GLU A 188 9.24 -8.07 17.70
C GLU A 188 9.01 -7.28 18.97
N LEU A 189 8.72 -5.98 18.86
CA LEU A 189 8.44 -5.19 20.05
C LEU A 189 7.01 -5.37 20.49
N GLY A 190 6.09 -5.58 19.53
CA GLY A 190 4.73 -5.96 19.86
C GLY A 190 4.69 -7.17 20.77
N ALA A 191 5.61 -8.13 20.58
CA ALA A 191 5.63 -9.26 21.49
C ALA A 191 6.16 -8.90 22.87
N ARG A 192 6.68 -7.67 23.04
CA ARG A 192 7.03 -7.15 24.36
C ARG A 192 5.96 -6.22 24.92
N GLY A 193 4.86 -6.02 24.20
CA GLY A 193 3.88 -5.05 24.63
C GLY A 193 4.18 -3.63 24.21
N ILE A 194 5.10 -3.41 23.28
CA ILE A 194 5.51 -2.07 22.90
C ILE A 194 5.00 -1.73 21.50
N ARG A 195 4.50 -0.50 21.37
CA ARG A 195 4.00 0.01 20.11
C ARG A 195 5.12 0.71 19.36
N VAL A 196 5.12 0.59 18.03
CA VAL A 196 5.97 1.40 17.16
C VAL A 196 5.04 1.96 16.10
N ASN A 197 5.15 3.25 15.79
CA ASN A 197 4.25 3.87 14.83
C ASN A 197 5.00 5.05 14.24
N THR A 198 4.53 5.55 13.09
CA THR A 198 5.35 6.44 12.27
C THR A 198 4.58 7.66 11.80
N ILE A 199 5.26 8.81 11.87
CA ILE A 199 4.72 10.09 11.41
C ILE A 199 5.50 10.52 10.16
N PHE A 200 4.78 10.84 9.09
CA PHE A 200 5.33 11.36 7.84
C PHE A 200 4.96 12.82 7.69
N PRO A 201 5.73 13.76 8.21
CA PRO A 201 5.43 15.16 7.90
C PRO A 201 5.63 15.41 6.40
N GLY A 202 4.81 16.29 5.85
CA GLY A 202 5.08 16.84 4.54
C GLY A 202 6.14 17.93 4.66
N PRO A 203 6.25 18.77 3.65
CA PRO A 203 7.09 19.97 3.83
C PRO A 203 6.48 20.87 4.88
N ILE A 204 7.16 21.04 6.03
CA ILE A 204 6.60 21.80 7.15
C ILE A 204 7.07 23.24 7.06
N GLU A 205 6.21 24.18 7.46
CA GLU A 205 6.50 25.59 7.22
C GLU A 205 7.62 26.12 8.10
N SER A 206 8.57 26.76 7.44
CA SER A 206 9.73 27.42 8.01
C SER A 206 10.11 28.54 7.07
N ASP A 207 10.93 29.46 7.57
CA ASP A 207 11.68 30.30 6.64
C ASP A 207 12.74 29.48 5.92
N ARG A 208 13.20 28.40 6.55
CA ARG A 208 14.22 27.53 5.98
C ARG A 208 13.74 26.82 4.71
N ILE A 209 12.56 26.18 4.76
CA ILE A 209 12.13 25.38 3.61
C ILE A 209 11.89 26.27 2.40
N ARG A 210 11.57 27.55 2.61
CA ARG A 210 11.48 28.47 1.48
C ARG A 210 12.78 28.50 0.70
N THR A 211 13.91 28.63 1.40
CA THR A 211 15.23 28.71 0.76
C THR A 211 15.65 27.39 0.12
N VAL A 212 15.37 26.25 0.76
CA VAL A 212 15.87 24.98 0.22
C VAL A 212 15.04 24.50 -0.97
N PHE A 213 13.78 24.96 -1.09
CA PHE A 213 13.06 24.80 -2.36
C PHE A 213 13.66 25.70 -3.45
N GLN A 214 14.17 26.87 -3.07
CA GLN A 214 14.89 27.71 -4.01
C GLN A 214 16.16 27.03 -4.50
N ARG A 215 16.89 26.37 -3.59
CA ARG A 215 18.11 25.70 -4.00
C ARG A 215 17.82 24.48 -4.88
N MET A 216 16.78 23.71 -4.54
CA MET A 216 16.40 22.58 -5.40
C MET A 216 15.94 23.05 -6.78
N ASP A 217 15.25 24.19 -6.84
CA ASP A 217 14.88 24.76 -8.13
C ASP A 217 16.12 25.03 -8.96
N GLN A 218 17.15 25.59 -8.32
CA GLN A 218 18.38 25.97 -9.00
C GLN A 218 19.15 24.75 -9.52
N LEU A 219 19.24 23.69 -8.72
CA LEU A 219 19.94 22.50 -9.16
C LEU A 219 19.26 21.84 -10.36
N LYS A 220 17.91 21.81 -10.35
CA LYS A 220 17.16 21.23 -11.45
C LYS A 220 17.00 22.17 -12.64
N GLY A 221 17.49 23.41 -12.56
CA GLY A 221 17.35 24.34 -13.66
C GLY A 221 16.00 25.03 -13.75
N ARG A 222 15.00 24.60 -12.95
CA ARG A 222 13.64 25.09 -13.06
C ARG A 222 13.44 26.35 -12.19
N PRO A 223 12.51 27.23 -12.56
CA PRO A 223 12.47 28.56 -11.94
C PRO A 223 11.81 28.58 -10.56
N GLU A 224 11.60 29.81 -10.06
CA GLU A 224 10.99 30.01 -8.74
C GLU A 224 9.69 29.22 -8.60
N GLY A 225 9.47 28.69 -7.41
CA GLY A 225 8.24 28.00 -7.07
C GLY A 225 8.07 26.63 -7.68
N ASP A 226 8.91 26.22 -8.63
CA ASP A 226 8.66 24.98 -9.36
C ASP A 226 8.62 23.78 -8.42
N THR A 227 9.65 23.64 -7.59
CA THR A 227 9.64 22.58 -6.58
C THR A 227 8.53 22.79 -5.55
N ALA A 228 8.21 24.05 -5.23
CA ALA A 228 7.19 24.32 -4.22
C ALA A 228 5.78 24.05 -4.74
N HIS A 229 5.43 24.62 -5.91
CA HIS A 229 4.10 24.37 -6.48
C HIS A 229 3.86 22.90 -6.74
N HIS A 230 4.92 22.16 -7.05
CA HIS A 230 4.75 20.75 -7.38
C HIS A 230 4.15 19.97 -6.22
N PHE A 231 4.63 20.22 -5.00
CA PHE A 231 4.10 19.49 -3.84
C PHE A 231 2.78 20.06 -3.35
N LEU A 232 2.56 21.37 -3.44
CA LEU A 232 1.27 21.92 -3.05
C LEU A 232 0.14 21.36 -3.92
N ASN A 233 0.40 21.16 -5.21
CA ASN A 233 -0.67 20.73 -6.09
C ASN A 233 -1.05 19.28 -5.91
N THR A 234 -0.21 18.48 -5.27
CA THR A 234 -0.64 17.14 -4.92
C THR A 234 -1.58 17.11 -3.72
N MET A 235 -1.80 18.23 -3.03
CA MET A 235 -2.56 18.25 -1.78
C MET A 235 -4.07 18.28 -2.02
N ARG A 236 -4.79 17.34 -1.40
CA ARG A 236 -6.24 17.26 -1.52
C ARG A 236 -6.97 18.25 -0.61
N LEU A 237 -6.40 18.55 0.55
CA LEU A 237 -7.03 19.33 1.61
C LEU A 237 -6.55 20.78 1.58
N CYS A 238 -7.50 21.71 1.39
CA CYS A 238 -7.29 23.15 1.55
C CYS A 238 -7.58 23.56 2.99
N ARG A 239 -7.06 24.74 3.37
CA ARG A 239 -7.31 25.30 4.69
C ARG A 239 -7.65 26.78 4.55
N ALA A 240 -8.34 27.31 5.57
CA ALA A 240 -8.74 28.70 5.56
C ALA A 240 -7.57 29.60 5.94
N ASN A 241 -7.57 30.80 5.38
CA ASN A 241 -6.66 31.82 5.83
C ASN A 241 -7.39 32.69 6.84
N ASP A 242 -6.79 33.80 7.23
CA ASP A 242 -7.36 34.64 8.28
C ASP A 242 -8.67 35.28 7.85
N GLN A 243 -8.80 35.58 6.56
CA GLN A 243 -9.98 36.20 5.99
C GLN A 243 -11.06 35.20 5.58
N GLY A 244 -10.83 33.89 5.77
CA GLY A 244 -11.81 32.86 5.49
C GLY A 244 -11.77 32.24 4.11
N ALA A 245 -10.81 32.61 3.27
CA ALA A 245 -10.62 32.02 1.94
C ALA A 245 -9.75 30.77 2.01
N LEU A 246 -9.94 29.88 1.03
CA LEU A 246 -9.24 28.61 0.95
C LEU A 246 -7.93 28.72 0.17
N GLU A 247 -6.96 27.90 0.55
CA GLU A 247 -5.63 27.99 0.00
C GLU A 247 -4.93 26.67 0.27
N ARG A 248 -3.96 26.32 -0.59
CA ARG A 248 -3.12 25.16 -0.34
C ARG A 248 -1.83 25.69 0.25
N ARG A 249 -1.53 25.30 1.49
CA ARG A 249 -0.32 25.74 2.16
C ARG A 249 0.25 24.54 2.87
N PHE A 250 1.45 24.71 3.43
CA PHE A 250 2.08 23.59 4.11
C PHE A 250 1.51 23.45 5.53
N PRO A 251 1.58 22.26 6.10
CA PRO A 251 1.17 22.09 7.50
C PRO A 251 2.12 22.80 8.45
N SER A 252 1.64 23.03 9.66
CA SER A 252 2.40 23.72 10.69
C SER A 252 3.24 22.71 11.46
N VAL A 253 4.06 23.23 12.36
CA VAL A 253 4.81 22.33 13.22
C VAL A 253 3.90 21.71 14.26
N GLY A 254 2.90 22.46 14.74
CA GLY A 254 1.98 21.95 15.74
C GLY A 254 1.07 20.84 15.25
N ASP A 255 0.71 20.88 13.96
CA ASP A 255 -0.03 19.78 13.37
C ASP A 255 0.71 18.47 13.55
N VAL A 256 2.04 18.51 13.35
CA VAL A 256 2.91 17.33 13.51
C VAL A 256 2.92 16.88 14.97
N ALA A 257 2.97 17.84 15.91
CA ALA A 257 2.96 17.50 17.34
C ALA A 257 1.58 17.01 17.82
N ASP A 258 0.48 17.45 17.21
CA ASP A 258 -0.80 16.83 17.52
C ASP A 258 -0.76 15.31 17.30
N ALA A 259 -0.29 14.87 16.12
CA ALA A 259 -0.18 13.43 15.85
C ALA A 259 0.79 12.73 16.80
N ALA A 260 1.87 13.40 17.19
CA ALA A 260 2.82 12.80 18.12
C ALA A 260 2.17 12.51 19.47
N VAL A 261 1.46 13.51 20.03
CA VAL A 261 0.77 13.32 21.31
C VAL A 261 -0.22 12.16 21.21
N PHE A 262 -1.00 12.12 20.13
CA PHE A 262 -1.89 10.98 19.91
C PHE A 262 -1.15 9.65 19.99
N LEU A 263 -0.02 9.54 19.29
CA LEU A 263 0.72 8.28 19.26
C LEU A 263 1.56 8.02 20.51
N ALA A 264 1.74 9.01 21.37
CA ALA A 264 2.45 8.79 22.62
C ALA A 264 1.50 8.49 23.76
N SER A 265 0.26 9.00 23.68
CA SER A 265 -0.75 8.84 24.73
C SER A 265 -1.40 7.46 24.62
N ALA A 266 -2.13 7.11 25.66
CA ALA A 266 -2.84 5.83 25.70
C ALA A 266 -4.15 5.88 24.93
N GLU A 267 -4.39 6.93 24.16
CA GLU A 267 -5.53 6.92 23.25
C GLU A 267 -5.25 6.14 21.97
N SER A 268 -4.00 5.76 21.72
CA SER A 268 -3.61 4.94 20.58
C SER A 268 -3.04 3.61 21.05
N ALA A 269 -3.59 3.09 22.14
CA ALA A 269 -3.06 1.90 22.79
C ALA A 269 -3.22 0.63 21.95
N ALA A 270 -4.12 0.65 20.97
CA ALA A 270 -4.40 -0.50 20.15
C ALA A 270 -3.73 -0.43 18.79
N LEU A 271 -2.73 0.45 18.62
CA LEU A 271 -2.12 0.72 17.32
C LEU A 271 -0.65 0.29 17.31
N SER A 272 -0.23 -0.46 16.28
CA SER A 272 1.18 -0.80 16.05
C SER A 272 1.41 -1.16 14.58
N GLY A 273 2.39 -0.53 13.96
CA GLY A 273 2.55 -0.67 12.54
C GLY A 273 1.77 0.32 11.73
N GLU A 274 1.14 1.30 12.37
CA GLU A 274 0.42 2.34 11.67
C GLU A 274 1.35 3.45 11.20
N THR A 275 0.86 4.20 10.23
CA THR A 275 1.50 5.44 9.79
C THR A 275 0.43 6.51 9.65
N ILE A 276 0.83 7.75 9.92
CA ILE A 276 -0.01 8.95 9.84
C ILE A 276 0.73 9.98 9.01
N GLU A 277 0.11 10.44 7.93
CA GLU A 277 0.77 11.41 7.05
C GLU A 277 0.21 12.80 7.31
N VAL A 278 1.04 13.66 7.89
CA VAL A 278 0.62 15.05 8.19
C VAL A 278 1.00 15.86 6.96
N THR A 279 0.17 15.74 5.91
CA THR A 279 0.58 16.23 4.59
C THR A 279 -0.48 17.06 3.89
N HIS A 280 -1.60 17.36 4.56
CA HIS A 280 -2.80 17.92 3.91
C HIS A 280 -3.30 16.97 2.81
N GLY A 281 -3.21 15.67 3.07
CA GLY A 281 -3.64 14.70 2.08
C GLY A 281 -2.86 14.78 0.79
N MET A 282 -1.52 14.91 0.88
CA MET A 282 -0.68 14.78 -0.32
C MET A 282 -0.88 13.39 -0.91
N GLU A 283 -1.18 13.36 -2.19
CA GLU A 283 -1.54 12.16 -2.90
C GLU A 283 -0.34 11.69 -3.72
N LEU A 284 0.21 10.56 -3.32
CA LEU A 284 1.38 10.02 -3.97
C LEU A 284 1.17 8.54 -4.25
N PRO A 285 1.70 8.05 -5.37
CA PRO A 285 1.50 6.65 -5.73
C PRO A 285 2.12 5.74 -4.69
N ALA A 286 1.35 4.75 -4.24
CA ALA A 286 1.83 3.92 -3.13
C ALA A 286 2.68 2.75 -3.62
N CYS A 287 2.18 1.99 -4.60
CA CYS A 287 2.84 0.80 -5.09
C CYS A 287 3.40 1.07 -6.48
N SER A 288 4.73 0.96 -6.62
CA SER A 288 5.43 1.02 -7.90
C SER A 288 6.16 -0.29 -8.15
N GLU A 289 5.45 -1.42 -8.01
CA GLU A 289 6.08 -2.72 -8.15
C GLU A 289 5.36 -3.52 -9.21
N THR A 290 6.04 -4.54 -9.74
CA THR A 290 5.44 -5.43 -10.71
C THR A 290 6.17 -6.77 -10.66
N SER A 291 5.46 -7.82 -11.04
CA SER A 291 6.02 -9.16 -11.11
C SER A 291 6.51 -9.45 -12.50
N LEU A 292 7.69 -10.06 -12.59
CA LEU A 292 8.18 -10.64 -13.83
C LEU A 292 7.42 -11.95 -14.01
N LEU A 293 6.47 -11.95 -14.93
CA LEU A 293 5.59 -13.09 -15.13
C LEU A 293 5.94 -13.90 -16.37
N ALA A 294 6.62 -13.30 -17.34
CA ALA A 294 6.88 -13.95 -18.62
C ALA A 294 8.21 -14.69 -18.58
N ARG A 295 8.37 -15.62 -19.54
CA ARG A 295 9.67 -16.22 -19.80
C ARG A 295 10.58 -15.22 -20.51
N THR A 296 11.86 -15.24 -20.18
CA THR A 296 12.84 -14.45 -20.91
C THR A 296 13.06 -14.99 -22.32
N ASP A 297 13.57 -14.12 -23.20
CA ASP A 297 13.97 -14.52 -24.56
C ASP A 297 15.26 -13.84 -24.99
N LEU A 298 16.39 -14.52 -24.78
CA LEU A 298 17.71 -13.95 -25.09
C LEU A 298 17.96 -14.04 -26.59
N ARG A 299 17.34 -13.11 -27.33
CA ARG A 299 17.74 -12.74 -28.67
C ARG A 299 18.13 -11.26 -28.62
N THR A 300 19.01 -10.95 -27.66
CA THR A 300 19.62 -9.63 -27.50
C THR A 300 21.14 -9.70 -27.63
N ILE A 301 21.67 -10.32 -28.68
CA ILE A 301 23.11 -10.38 -28.92
C ILE A 301 23.61 -8.95 -29.11
N ASP A 302 22.71 -7.97 -28.98
CA ASP A 302 23.10 -6.59 -28.84
C ASP A 302 24.19 -6.38 -27.78
N ALA A 303 24.39 -7.34 -26.88
CA ALA A 303 25.52 -7.26 -25.95
C ALA A 303 26.89 -7.55 -26.62
N SER A 304 27.05 -7.71 -27.94
CA SER A 304 28.38 -7.91 -28.50
C SER A 304 29.27 -6.71 -28.22
N GLY A 305 30.44 -6.97 -27.65
CA GLY A 305 31.36 -5.92 -27.32
C GLY A 305 31.10 -5.31 -25.97
N ARG A 306 29.84 -5.20 -25.56
CA ARG A 306 29.52 -4.69 -24.23
C ARG A 306 30.03 -5.67 -23.18
N THR A 307 30.45 -5.13 -22.05
CA THR A 307 31.02 -5.93 -20.97
C THR A 307 30.38 -5.57 -19.63
N THR A 308 30.05 -6.60 -18.85
CA THR A 308 29.28 -6.48 -17.63
C THR A 308 30.14 -6.77 -16.41
N LEU A 309 30.05 -5.90 -15.40
CA LEU A 309 30.67 -6.13 -14.11
C LEU A 309 29.68 -6.84 -13.20
N ILE A 310 30.16 -7.83 -12.46
CA ILE A 310 29.35 -8.55 -11.48
C ILE A 310 29.92 -8.27 -10.09
N CYS A 311 29.15 -7.53 -9.28
CA CYS A 311 29.49 -7.26 -7.88
C CYS A 311 28.70 -8.19 -6.97
N ALA A 312 29.39 -9.03 -6.22
CA ALA A 312 28.71 -10.04 -5.46
C ALA A 312 29.63 -10.45 -4.32
N GLY A 313 29.40 -11.64 -3.81
CA GLY A 313 30.34 -12.20 -2.88
C GLY A 313 29.60 -13.13 -2.00
N ASP A 314 30.06 -14.38 -1.98
CA ASP A 314 29.54 -15.50 -1.22
C ASP A 314 28.34 -16.13 -1.96
N GLN A 315 27.89 -15.57 -3.09
CA GLN A 315 26.77 -16.15 -3.83
C GLN A 315 27.35 -16.75 -5.10
N ILE A 316 27.94 -17.92 -4.95
CA ILE A 316 28.70 -18.38 -6.09
C ILE A 316 27.79 -19.04 -7.12
N GLU A 317 26.63 -19.55 -6.70
CA GLU A 317 25.72 -20.13 -7.68
C GLU A 317 25.15 -19.07 -8.61
N GLU A 318 24.83 -17.89 -8.07
CA GLU A 318 24.34 -16.80 -8.92
C GLU A 318 25.46 -16.26 -9.79
N VAL A 319 26.67 -16.15 -9.24
CA VAL A 319 27.79 -15.59 -9.99
C VAL A 319 28.06 -16.44 -11.23
N MET A 320 27.95 -17.76 -11.10
CA MET A 320 28.09 -18.63 -12.26
C MET A 320 26.91 -18.52 -13.20
N ALA A 321 25.69 -18.64 -12.67
CA ALA A 321 24.52 -18.49 -13.53
C ALA A 321 24.55 -17.18 -14.30
N LEU A 322 25.01 -16.10 -13.65
CA LEU A 322 25.08 -14.81 -14.32
C LEU A 322 26.07 -14.80 -15.49
N THR A 323 27.30 -15.29 -15.28
CA THR A 323 28.30 -15.30 -16.38
C THR A 323 27.82 -16.19 -17.53
N GLY A 324 27.19 -17.31 -17.20
CA GLY A 324 26.61 -18.14 -18.25
C GLY A 324 25.56 -17.40 -19.06
N MET A 325 24.63 -16.73 -18.37
CA MET A 325 23.61 -15.94 -19.05
C MET A 325 24.25 -14.85 -19.91
N LEU A 326 25.14 -14.07 -19.31
CA LEU A 326 25.72 -12.91 -20.00
C LEU A 326 26.59 -13.31 -21.19
N ARG A 327 27.31 -14.45 -21.13
CA ARG A 327 28.15 -14.87 -22.24
C ARG A 327 27.33 -15.29 -23.45
N THR A 328 26.22 -16.00 -23.23
CA THR A 328 25.38 -16.38 -24.38
C THR A 328 24.78 -15.15 -25.08
N CYS A 329 24.63 -14.04 -24.38
CA CYS A 329 24.22 -12.79 -25.03
C CYS A 329 25.36 -12.14 -25.81
N GLY A 330 26.61 -12.56 -25.57
CA GLY A 330 27.76 -11.95 -26.18
C GLY A 330 28.49 -10.94 -25.33
N SER A 331 28.05 -10.70 -24.10
CA SER A 331 28.75 -9.80 -23.21
C SER A 331 29.94 -10.50 -22.56
N GLU A 332 31.00 -9.74 -22.34
CA GLU A 332 32.11 -10.23 -21.51
C GLU A 332 31.82 -9.94 -20.03
N VAL A 333 32.33 -10.81 -19.15
CA VAL A 333 32.06 -10.71 -17.71
C VAL A 333 33.35 -10.54 -16.92
N ILE A 334 33.37 -9.52 -16.07
CA ILE A 334 34.32 -9.37 -14.96
C ILE A 334 33.52 -9.57 -13.67
N ILE A 335 34.14 -10.20 -12.67
CA ILE A 335 33.51 -10.42 -11.37
C ILE A 335 34.34 -9.71 -10.31
N GLY A 336 33.70 -8.89 -9.51
CA GLY A 336 34.41 -8.27 -8.41
C GLY A 336 33.78 -8.70 -7.11
N PHE A 337 34.49 -9.50 -6.31
CA PHE A 337 33.95 -10.00 -5.06
C PHE A 337 34.11 -8.97 -3.94
N ARG A 338 33.02 -8.78 -3.17
CA ARG A 338 32.95 -7.72 -2.17
C ARG A 338 33.71 -8.08 -0.90
N SER A 339 33.79 -9.36 -0.57
CA SER A 339 34.55 -9.83 0.58
C SER A 339 35.80 -10.60 0.13
N ALA A 340 36.90 -10.38 0.84
CA ALA A 340 38.09 -11.19 0.61
C ALA A 340 37.80 -12.68 0.79
N ALA A 341 36.75 -13.00 1.55
CA ALA A 341 36.34 -14.40 1.65
C ALA A 341 35.82 -14.92 0.33
N ALA A 342 35.01 -14.12 -0.37
CA ALA A 342 34.31 -14.59 -1.57
C ALA A 342 35.26 -15.03 -2.68
N LEU A 343 36.41 -14.36 -2.84
CA LEU A 343 37.42 -14.89 -3.75
C LEU A 343 37.77 -16.34 -3.40
N ALA A 344 37.85 -16.64 -2.11
CA ALA A 344 38.39 -17.93 -1.67
C ALA A 344 37.54 -19.09 -2.19
N GLN A 345 36.26 -19.14 -1.79
CA GLN A 345 35.49 -20.31 -2.18
C GLN A 345 35.15 -20.30 -3.67
N PHE A 346 35.18 -19.14 -4.33
CA PHE A 346 35.07 -19.14 -5.78
C PHE A 346 36.30 -19.80 -6.40
N GLU A 347 37.49 -19.36 -6.02
CA GLU A 347 38.71 -20.02 -6.48
C GLU A 347 38.74 -21.49 -6.07
N GLN A 348 38.10 -21.85 -4.95
CA GLN A 348 37.99 -23.26 -4.58
C GLN A 348 37.03 -24.02 -5.51
N ALA A 349 35.89 -23.43 -5.84
CA ALA A 349 34.94 -24.12 -6.70
C ALA A 349 35.50 -24.32 -8.12
N VAL A 350 36.18 -23.31 -8.66
CA VAL A 350 36.74 -23.44 -10.00
C VAL A 350 37.84 -24.49 -10.05
N ASN A 351 38.59 -24.66 -8.96
CA ASN A 351 39.56 -25.75 -8.93
C ASN A 351 38.87 -27.11 -8.97
N GLU A 352 37.71 -27.23 -8.33
CA GLU A 352 36.94 -28.46 -8.38
C GLU A 352 36.44 -28.79 -9.78
N SER A 353 35.99 -27.77 -10.52
CA SER A 353 35.44 -28.03 -11.85
C SER A 353 36.51 -28.47 -12.84
N ARG A 354 37.63 -27.74 -12.88
CA ARG A 354 38.68 -28.08 -13.84
C ARG A 354 39.39 -29.37 -13.48
N ARG A 355 39.52 -29.68 -12.19
CA ARG A 355 39.99 -31.01 -11.77
C ARG A 355 38.89 -32.05 -11.90
N ASP A 360 36.08 -27.28 -19.83
CA ASP A 360 34.65 -27.54 -19.87
C ASP A 360 33.92 -26.46 -19.08
N PHE A 361 34.71 -25.73 -18.27
CA PHE A 361 34.30 -24.52 -17.60
C PHE A 361 35.48 -23.57 -17.60
N THR A 362 35.27 -22.34 -18.09
CA THR A 362 36.34 -21.36 -18.12
C THR A 362 35.82 -20.17 -17.32
N PRO A 363 36.45 -19.85 -16.19
CA PRO A 363 35.94 -18.78 -15.34
C PRO A 363 36.45 -17.43 -15.77
N PRO A 364 35.71 -16.37 -15.48
CA PRO A 364 36.17 -15.02 -15.83
C PRO A 364 37.29 -14.55 -14.92
N ILE A 365 37.77 -13.32 -15.10
CA ILE A 365 38.72 -12.79 -14.13
C ILE A 365 37.95 -12.38 -12.89
N ALA A 366 38.46 -12.77 -11.72
CA ALA A 366 37.83 -12.42 -10.45
C ALA A 366 38.80 -11.52 -9.69
N LEU A 367 38.32 -10.34 -9.32
CA LEU A 367 39.15 -9.34 -8.68
C LEU A 367 38.49 -8.89 -7.37
N PRO A 368 39.30 -8.47 -6.40
CA PRO A 368 38.72 -7.85 -5.20
C PRO A 368 37.97 -6.59 -5.58
N LEU A 369 36.82 -6.38 -4.93
CA LEU A 369 36.05 -5.17 -5.20
C LEU A 369 35.27 -4.83 -3.92
N ASP A 370 35.90 -4.03 -3.07
CA ASP A 370 35.46 -3.82 -1.70
C ASP A 370 35.05 -2.36 -1.49
N PRO A 371 33.78 -2.09 -1.15
CA PRO A 371 33.38 -0.70 -0.87
C PRO A 371 34.02 -0.14 0.38
N ARG A 372 34.51 -0.99 1.28
CA ARG A 372 35.26 -0.50 2.43
C ARG A 372 36.47 0.28 1.96
N ASP A 373 37.07 -0.17 0.86
CA ASP A 373 38.28 0.39 0.25
C ASP A 373 37.95 0.85 -1.17
N PRO A 374 37.31 2.01 -1.35
CA PRO A 374 36.89 2.41 -2.71
C PRO A 374 38.05 2.56 -3.69
N ALA A 375 39.31 2.44 -3.23
CA ALA A 375 40.45 2.40 -4.13
C ALA A 375 40.38 1.19 -5.05
N THR A 376 40.07 0.01 -4.50
CA THR A 376 40.02 -1.20 -5.33
C THR A 376 38.91 -1.15 -6.37
N ILE A 377 37.91 -0.29 -6.17
CA ILE A 377 36.93 -0.05 -7.22
C ILE A 377 37.60 0.62 -8.41
N ASP A 378 38.35 1.69 -8.16
CA ASP A 378 39.10 2.36 -9.23
C ASP A 378 40.07 1.39 -9.90
N ALA A 379 40.54 0.39 -9.14
CA ALA A 379 41.38 -0.65 -9.69
C ALA A 379 40.62 -1.48 -10.72
N VAL A 380 39.38 -1.83 -10.41
CA VAL A 380 38.58 -2.61 -11.34
C VAL A 380 38.36 -1.83 -12.62
N PHE A 381 38.02 -0.54 -12.50
CA PHE A 381 37.80 0.29 -13.69
C PHE A 381 39.07 0.36 -14.52
N ASP A 382 40.23 0.48 -13.86
CA ASP A 382 41.50 0.62 -14.57
C ASP A 382 41.80 -0.62 -15.42
N TRP A 383 41.65 -1.81 -14.84
CA TRP A 383 41.83 -3.05 -15.59
C TRP A 383 40.84 -3.12 -16.75
N ALA A 384 39.60 -2.70 -16.49
CA ALA A 384 38.58 -2.72 -17.53
C ALA A 384 38.94 -1.84 -18.71
N GLY A 385 39.64 -0.73 -18.46
CA GLY A 385 40.07 0.12 -19.56
C GLY A 385 41.20 -0.47 -20.37
N GLU A 386 42.10 -1.21 -19.72
CA GLU A 386 43.20 -1.82 -20.43
C GLU A 386 42.80 -3.10 -21.15
N ASN A 387 41.77 -3.80 -20.65
CA ASN A 387 41.52 -5.15 -21.12
C ASN A 387 40.17 -5.35 -21.80
N THR A 388 39.06 -5.13 -21.12
CA THR A 388 37.75 -5.45 -21.70
C THR A 388 37.15 -4.29 -22.48
N GLY A 389 37.93 -3.25 -22.77
CA GLY A 389 37.40 -2.14 -23.55
C GLY A 389 36.39 -1.27 -22.84
N GLY A 390 36.21 -1.44 -21.51
CA GLY A 390 35.37 -0.58 -20.71
C GLY A 390 34.57 -1.40 -19.72
N ILE A 391 33.61 -0.72 -19.08
CA ILE A 391 32.51 -1.34 -18.34
C ILE A 391 31.20 -0.74 -18.86
N HIS A 392 30.25 -1.60 -19.19
CA HIS A 392 29.00 -1.14 -19.79
C HIS A 392 27.75 -1.40 -18.95
N ALA A 393 27.78 -2.39 -18.08
CA ALA A 393 26.62 -2.73 -17.31
C ALA A 393 27.12 -3.39 -16.04
N ALA A 394 26.29 -3.33 -15.00
CA ALA A 394 26.67 -3.85 -13.70
C ALA A 394 25.51 -4.64 -13.10
N VAL A 395 25.86 -5.66 -12.32
CA VAL A 395 24.92 -6.34 -11.44
C VAL A 395 25.51 -6.23 -10.04
N ILE A 396 24.71 -5.78 -9.09
CA ILE A 396 25.19 -5.57 -7.72
C ILE A 396 24.43 -6.53 -6.82
N LEU A 397 25.15 -7.35 -6.07
CA LEU A 397 24.57 -8.33 -5.15
C LEU A 397 24.88 -8.01 -3.69
N PRO A 398 24.06 -8.51 -2.75
CA PRO A 398 24.33 -8.24 -1.33
C PRO A 398 25.71 -8.69 -0.91
N ALA A 399 26.31 -7.94 0.01
CA ALA A 399 27.65 -8.24 0.47
C ALA A 399 27.72 -9.64 1.06
N THR A 400 26.61 -10.20 1.52
CA THR A 400 26.60 -11.56 1.99
C THR A 400 25.32 -12.25 1.53
N SER A 401 25.42 -13.56 1.28
CA SER A 401 24.27 -14.34 0.85
C SER A 401 23.26 -14.54 1.96
N HIS A 402 23.71 -14.99 3.13
CA HIS A 402 22.81 -15.31 4.22
C HIS A 402 22.60 -14.09 5.12
N GLU A 403 21.39 -13.99 5.67
CA GLU A 403 21.08 -12.85 6.53
C GLU A 403 21.87 -12.92 7.84
N PRO A 404 22.26 -11.76 8.38
CA PRO A 404 23.14 -11.75 9.56
C PRO A 404 22.48 -12.28 10.84
N ALA A 405 21.18 -12.08 11.03
CA ALA A 405 20.52 -12.47 12.27
C ALA A 405 19.04 -12.71 11.97
N PRO A 406 18.34 -13.47 12.83
CA PRO A 406 16.89 -13.62 12.64
C PRO A 406 16.06 -12.47 13.19
N CYS A 407 16.64 -11.62 14.04
CA CYS A 407 15.91 -10.53 14.66
C CYS A 407 16.56 -9.18 14.39
N VAL A 408 15.74 -8.12 14.45
CA VAL A 408 16.19 -6.76 14.25
C VAL A 408 16.34 -6.04 15.58
N ILE A 409 15.59 -6.45 16.60
CA ILE A 409 15.69 -5.87 17.93
C ILE A 409 16.58 -6.71 18.85
N GLU A 410 16.36 -8.01 18.89
CA GLU A 410 17.19 -8.86 19.76
C GLU A 410 18.39 -9.36 18.97
N VAL A 411 19.32 -8.41 18.73
CA VAL A 411 20.50 -8.65 17.92
C VAL A 411 21.64 -7.81 18.49
N ASP A 412 22.85 -8.37 18.46
CA ASP A 412 24.07 -7.77 19.02
C ASP A 412 24.58 -6.59 18.16
N ASP A 413 25.55 -5.87 18.74
CA ASP A 413 26.02 -4.60 18.16
C ASP A 413 26.88 -4.82 16.93
N GLU A 414 27.77 -5.84 16.95
CA GLU A 414 28.69 -5.99 15.83
C GLU A 414 27.95 -6.30 14.54
N ARG A 415 27.02 -7.27 14.58
CA ARG A 415 26.30 -7.61 13.36
C ARG A 415 25.61 -6.40 12.77
N VAL A 416 24.92 -5.62 13.61
CA VAL A 416 24.12 -4.51 13.11
C VAL A 416 25.04 -3.45 12.51
N LEU A 417 26.21 -3.23 13.13
CA LEU A 417 27.17 -2.28 12.59
C LEU A 417 27.73 -2.75 11.26
N ASN A 418 27.96 -4.07 11.11
CA ASN A 418 28.50 -4.60 9.86
C ASN A 418 27.47 -4.48 8.76
N PHE A 419 26.21 -4.77 9.08
CA PHE A 419 25.13 -4.62 8.11
C PHE A 419 25.02 -3.18 7.61
N LEU A 420 25.19 -2.19 8.49
CA LEU A 420 25.17 -0.80 8.06
C LEU A 420 26.33 -0.50 7.11
N ALA A 421 27.54 -0.92 7.51
CA ALA A 421 28.73 -0.62 6.75
C ALA A 421 28.71 -1.31 5.39
N ASP A 422 28.31 -2.57 5.34
CA ASP A 422 28.42 -3.30 4.09
C ASP A 422 27.19 -3.09 3.20
N GLU A 423 26.00 -3.46 3.69
CA GLU A 423 24.83 -3.56 2.84
C GLU A 423 24.16 -2.23 2.51
N ILE A 424 24.40 -1.20 3.30
CA ILE A 424 23.72 0.09 3.13
C ILE A 424 24.68 1.19 2.67
N THR A 425 25.66 1.54 3.51
CA THR A 425 26.68 2.50 3.07
C THR A 425 27.48 1.94 1.90
N GLY A 426 27.87 0.65 1.97
CA GLY A 426 28.69 0.08 0.92
C GLY A 426 27.98 -0.05 -0.42
N THR A 427 26.65 -0.23 -0.40
CA THR A 427 25.89 -0.32 -1.65
C THR A 427 25.71 1.05 -2.29
N ILE A 428 25.55 2.11 -1.48
CA ILE A 428 25.56 3.44 -2.07
C ILE A 428 26.94 3.77 -2.62
N VAL A 429 28.01 3.27 -1.98
CA VAL A 429 29.37 3.54 -2.46
C VAL A 429 29.53 3.02 -3.88
N ILE A 430 29.18 1.75 -4.10
CA ILE A 430 29.33 1.15 -5.42
C ILE A 430 28.57 1.94 -6.47
N ALA A 431 27.33 2.30 -6.17
CA ALA A 431 26.53 3.06 -7.12
C ALA A 431 27.17 4.38 -7.49
N SER A 432 27.85 5.01 -6.55
CA SER A 432 28.38 6.34 -6.80
C SER A 432 29.63 6.33 -7.66
N ARG A 433 30.46 5.29 -7.52
CA ARG A 433 31.59 5.15 -8.43
C ARG A 433 31.13 4.72 -9.82
N LEU A 434 30.09 3.87 -9.89
CA LEU A 434 29.48 3.55 -11.18
C LEU A 434 28.96 4.81 -11.86
N ALA A 435 28.21 5.63 -11.14
CA ALA A 435 27.68 6.83 -11.74
C ALA A 435 28.81 7.79 -12.12
N ARG A 436 29.88 7.84 -11.33
CA ARG A 436 30.96 8.77 -11.66
C ARG A 436 31.81 8.26 -12.84
N TYR A 437 32.01 6.94 -12.90
CA TYR A 437 32.65 6.33 -14.07
C TYR A 437 31.91 6.71 -15.35
N TRP A 438 30.63 6.34 -15.43
CA TRP A 438 29.86 6.55 -16.65
C TRP A 438 29.70 8.01 -17.01
N GLN A 439 29.74 8.91 -16.04
CA GLN A 439 29.52 10.31 -16.37
C GLN A 439 30.81 11.09 -16.61
N SER A 440 31.97 10.49 -16.33
CA SER A 440 33.25 11.13 -16.65
C SER A 440 33.57 11.07 -18.13
N GLN A 441 32.85 10.28 -18.91
CA GLN A 441 33.17 10.09 -20.32
C GLN A 441 32.42 11.05 -21.25
N GLY A 446 31.83 11.85 -29.94
CA GLY A 446 31.83 12.45 -31.26
C GLY A 446 30.85 11.84 -32.25
N ALA A 447 30.71 10.51 -32.24
CA ALA A 447 29.91 9.81 -33.24
C ALA A 447 28.55 9.33 -32.76
N ARG A 448 28.48 8.38 -31.81
CA ARG A 448 27.22 7.80 -31.33
C ARG A 448 27.44 6.80 -30.19
N ALA A 449 26.50 6.71 -29.22
CA ALA A 449 26.73 5.97 -27.97
C ALA A 449 25.58 5.02 -27.62
N ARG A 450 25.85 4.11 -26.67
CA ARG A 450 25.00 2.94 -26.41
C ARG A 450 24.08 3.10 -25.20
N GLY A 451 24.63 3.25 -23.99
CA GLY A 451 23.82 3.44 -22.80
C GLY A 451 24.05 2.48 -21.65
N PRO A 452 24.33 3.01 -20.45
CA PRO A 452 24.64 2.14 -19.31
C PRO A 452 23.40 1.72 -18.50
N ARG A 453 23.48 0.53 -17.92
CA ARG A 453 22.36 -0.11 -17.25
C ARG A 453 22.82 -0.84 -15.99
N VAL A 454 21.96 -0.82 -14.95
CA VAL A 454 22.22 -1.44 -13.65
C VAL A 454 20.99 -2.23 -13.17
N ILE A 455 21.24 -3.38 -12.54
CA ILE A 455 20.23 -4.18 -11.86
C ILE A 455 20.83 -4.59 -10.53
N PHE A 456 20.07 -4.40 -9.43
CA PHE A 456 20.49 -4.94 -8.13
C PHE A 456 19.67 -6.19 -7.88
N LEU A 457 20.34 -7.30 -7.59
CA LEU A 457 19.72 -8.62 -7.51
C LEU A 457 19.74 -9.08 -6.06
N SER A 458 18.57 -9.37 -5.50
CA SER A 458 18.52 -9.74 -4.10
C SER A 458 18.85 -11.22 -3.93
N ASN A 459 19.04 -11.62 -2.68
CA ASN A 459 19.16 -13.03 -2.36
C ASN A 459 17.79 -13.70 -2.43
N GLY A 460 17.81 -15.01 -2.47
CA GLY A 460 16.61 -15.80 -2.52
C GLY A 460 15.91 -15.81 -1.18
N ALA A 461 14.75 -16.48 -1.18
CA ALA A 461 13.87 -16.50 -0.03
C ALA A 461 14.58 -17.10 1.17
N ASP A 462 14.22 -16.61 2.35
CA ASP A 462 14.86 -16.96 3.60
C ASP A 462 13.79 -17.35 4.61
N GLN A 463 14.16 -18.21 5.57
CA GLN A 463 13.23 -18.57 6.63
C GLN A 463 12.89 -17.37 7.50
N ASN A 464 13.78 -16.38 7.60
CA ASN A 464 13.50 -15.11 8.27
C ASN A 464 12.42 -14.30 7.60
N GLY A 465 12.03 -14.64 6.38
CA GLY A 465 11.27 -13.65 5.63
C GLY A 465 12.12 -12.51 5.13
N ASN A 466 13.44 -12.62 5.26
CA ASN A 466 14.37 -11.65 4.68
C ASN A 466 14.22 -10.26 5.29
N VAL A 467 14.29 -10.17 6.62
CA VAL A 467 14.05 -8.87 7.27
C VAL A 467 15.20 -7.90 6.97
N TYR A 468 16.45 -8.35 7.10
CA TYR A 468 17.59 -7.52 6.69
C TYR A 468 17.57 -7.26 5.18
N GLY A 469 17.13 -8.25 4.39
CA GLY A 469 17.00 -8.02 2.98
C GLY A 469 15.98 -6.95 2.66
N ARG A 470 14.87 -6.92 3.41
CA ARG A 470 13.82 -5.93 3.16
C ARG A 470 14.23 -4.54 3.59
N ILE A 471 15.03 -4.43 4.66
CA ILE A 471 15.61 -3.13 5.01
C ILE A 471 16.51 -2.64 3.87
N GLN A 472 17.42 -3.52 3.41
CA GLN A 472 18.32 -3.19 2.31
C GLN A 472 17.58 -2.80 1.04
N SER A 473 16.64 -3.66 0.62
CA SER A 473 15.87 -3.41 -0.59
C SER A 473 15.14 -2.08 -0.56
N ALA A 474 14.64 -1.70 0.62
CA ALA A 474 13.89 -0.46 0.76
C ALA A 474 14.76 0.76 0.45
N ALA A 475 16.00 0.75 0.96
CA ALA A 475 16.97 1.78 0.61
C ALA A 475 17.32 1.79 -0.89
N ILE A 476 17.60 0.60 -1.47
CA ILE A 476 17.97 0.51 -2.89
C ILE A 476 16.84 1.06 -3.76
N GLY A 477 15.60 0.78 -3.39
CA GLY A 477 14.47 1.34 -4.12
C GLY A 477 14.53 2.85 -4.23
N GLN A 478 14.63 3.54 -3.08
CA GLN A 478 14.70 5.01 -3.12
C GLN A 478 15.98 5.50 -3.75
N LEU A 479 17.09 4.76 -3.54
CA LEU A 479 18.36 5.00 -4.25
C LEU A 479 18.16 5.07 -5.76
N ILE A 480 17.49 4.07 -6.33
CA ILE A 480 17.21 4.05 -7.77
C ILE A 480 16.38 5.26 -8.20
N ARG A 481 15.30 5.57 -7.46
CA ARG A 481 14.42 6.66 -7.88
C ARG A 481 15.21 7.93 -8.16
N VAL A 482 16.10 8.29 -7.24
CA VAL A 482 16.81 9.56 -7.33
C VAL A 482 17.98 9.43 -8.28
N TRP A 483 18.56 8.24 -8.40
CA TRP A 483 19.67 8.03 -9.33
C TRP A 483 19.22 8.15 -10.78
N ARG A 484 18.04 7.62 -11.12
CA ARG A 484 17.46 7.93 -12.41
C ARG A 484 17.25 9.44 -12.55
N HIS A 485 16.61 10.05 -11.57
CA HIS A 485 16.18 11.43 -11.64
C HIS A 485 17.35 12.38 -11.87
N GLU A 486 18.43 12.19 -11.12
CA GLU A 486 19.62 13.00 -11.32
C GLU A 486 20.21 12.73 -12.70
N ALA A 487 20.30 11.46 -13.09
CA ALA A 487 20.90 11.11 -14.38
C ALA A 487 20.19 11.80 -15.54
N GLU A 488 18.87 11.93 -15.45
CA GLU A 488 18.13 12.56 -16.53
C GLU A 488 18.47 14.04 -16.63
N LEU A 489 18.49 14.73 -15.49
CA LEU A 489 18.79 16.15 -15.48
C LEU A 489 20.27 16.44 -15.68
N ASP A 490 21.16 15.62 -15.11
CA ASP A 490 22.59 15.79 -15.36
C ASP A 490 22.91 15.63 -16.84
N TYR A 491 22.26 14.67 -17.51
CA TYR A 491 22.47 14.46 -18.93
C TYR A 491 22.02 15.66 -19.74
N GLN A 492 20.73 15.97 -19.69
CA GLN A 492 20.16 17.02 -20.51
C GLN A 492 20.88 18.35 -20.29
N ARG A 493 21.41 18.59 -19.09
CA ARG A 493 22.16 19.82 -18.85
C ARG A 493 23.54 19.77 -19.48
N ALA A 494 24.32 18.73 -19.17
CA ALA A 494 25.72 18.67 -19.60
C ALA A 494 25.88 18.58 -21.11
N SER A 495 24.89 18.03 -21.82
CA SER A 495 25.02 17.92 -23.27
C SER A 495 24.79 19.26 -23.96
N ALA A 496 23.95 20.12 -23.37
CA ALA A 496 23.77 21.47 -23.91
C ALA A 496 25.08 22.25 -23.89
N ALA A 497 25.98 21.92 -22.96
CA ALA A 497 27.33 22.48 -22.95
C ALA A 497 28.18 22.00 -24.12
N GLY A 498 27.71 21.02 -24.90
CA GLY A 498 28.48 20.51 -26.02
C GLY A 498 29.46 19.40 -25.70
N ASP A 499 29.35 18.78 -24.53
CA ASP A 499 30.23 17.68 -24.13
C ASP A 499 29.61 16.34 -24.52
N HIS A 500 30.31 15.58 -25.37
CA HIS A 500 29.81 14.30 -25.86
C HIS A 500 29.97 13.21 -24.82
N VAL A 501 28.89 13.01 -24.06
CA VAL A 501 28.80 12.10 -22.93
C VAL A 501 27.76 11.04 -23.22
N LEU A 502 27.89 9.92 -22.51
CA LEU A 502 26.99 8.78 -22.65
C LEU A 502 25.55 9.15 -22.30
N PRO A 503 24.58 8.42 -22.84
CA PRO A 503 23.16 8.60 -22.43
C PRO A 503 22.95 8.16 -20.99
N PRO A 504 21.85 8.60 -20.35
CA PRO A 504 21.71 8.41 -18.89
C PRO A 504 21.47 6.97 -18.44
N VAL A 505 21.85 6.72 -17.18
CA VAL A 505 21.75 5.40 -16.58
C VAL A 505 20.30 5.04 -16.27
N TRP A 506 19.93 3.79 -16.52
CA TRP A 506 18.67 3.26 -16.04
C TRP A 506 18.96 2.10 -15.11
N ALA A 507 18.03 1.84 -14.18
CA ALA A 507 18.23 0.81 -13.17
C ALA A 507 16.89 0.34 -12.63
N ASN A 508 16.90 -0.89 -12.11
CA ASN A 508 15.77 -1.57 -11.51
C ASN A 508 16.37 -2.50 -10.47
N GLN A 509 15.54 -3.04 -9.57
CA GLN A 509 16.02 -4.13 -8.74
C GLN A 509 15.13 -5.35 -8.92
N ILE A 510 15.74 -6.50 -8.78
CA ILE A 510 15.04 -7.77 -8.90
C ILE A 510 15.03 -8.39 -7.51
N VAL A 511 13.83 -8.53 -6.95
CA VAL A 511 13.66 -9.05 -5.60
C VAL A 511 13.06 -10.45 -5.74
N ARG A 512 13.75 -11.44 -5.17
CA ARG A 512 13.32 -12.82 -5.29
C ARG A 512 12.95 -13.43 -3.95
N PHE A 513 12.48 -12.59 -3.01
CA PHE A 513 12.23 -13.01 -1.65
C PHE A 513 11.07 -13.98 -1.56
N ALA A 514 10.24 -14.04 -2.61
CA ALA A 514 9.05 -14.88 -2.64
C ALA A 514 9.28 -16.19 -3.38
N ASN A 515 10.55 -16.54 -3.62
CA ASN A 515 10.88 -17.74 -4.38
C ASN A 515 12.15 -18.35 -3.81
N ARG A 516 12.17 -19.68 -3.75
CA ARG A 516 13.33 -20.39 -3.24
C ARG A 516 13.64 -21.66 -4.06
N SER A 517 13.37 -21.65 -5.37
CA SER A 517 13.67 -22.79 -6.24
C SER A 517 14.84 -22.45 -7.14
N LEU A 518 15.55 -23.49 -7.56
CA LEU A 518 16.67 -23.29 -8.47
C LEU A 518 16.23 -22.75 -9.82
N GLU A 519 15.13 -23.27 -10.38
CA GLU A 519 14.66 -22.70 -11.63
C GLU A 519 14.27 -21.23 -11.49
N GLY A 520 13.77 -20.82 -10.32
CA GLY A 520 13.56 -19.41 -10.08
C GLY A 520 14.87 -18.63 -10.08
N LEU A 521 15.93 -19.22 -9.52
CA LEU A 521 17.24 -18.59 -9.55
C LEU A 521 17.70 -18.35 -10.98
N GLU A 522 17.63 -19.39 -11.82
CA GLU A 522 17.98 -19.24 -13.24
C GLU A 522 17.09 -18.21 -13.91
N PHE A 523 15.81 -18.20 -13.56
CA PHE A 523 14.87 -17.25 -14.11
C PHE A 523 15.26 -15.82 -13.79
N ALA A 524 15.66 -15.56 -12.53
CA ALA A 524 16.04 -14.22 -12.13
C ALA A 524 17.37 -13.80 -12.76
N CYS A 525 18.33 -14.73 -12.87
CA CYS A 525 19.57 -14.40 -13.55
C CYS A 525 19.33 -14.09 -15.01
N ALA A 526 18.39 -14.79 -15.63
CA ALA A 526 18.13 -14.57 -17.05
C ALA A 526 17.53 -13.19 -17.29
N TRP A 527 16.60 -12.75 -16.44
CA TRP A 527 16.04 -11.41 -16.61
C TRP A 527 17.09 -10.33 -16.38
N THR A 528 18.02 -10.56 -15.45
CA THR A 528 19.10 -9.60 -15.23
C THR A 528 19.87 -9.36 -16.53
N ALA A 529 20.29 -10.44 -17.21
CA ALA A 529 21.01 -10.28 -18.47
C ALA A 529 20.14 -9.60 -19.52
N GLN A 530 18.88 -10.00 -19.62
CA GLN A 530 18.04 -9.39 -20.66
C GLN A 530 17.88 -7.89 -20.44
N LEU A 531 17.71 -7.48 -19.18
CA LEU A 531 17.41 -6.08 -18.87
C LEU A 531 18.64 -5.19 -19.03
N LEU A 532 19.83 -5.76 -18.88
CA LEU A 532 21.07 -5.00 -19.01
C LEU A 532 21.42 -4.64 -20.45
N HIS A 533 20.93 -5.39 -21.44
CA HIS A 533 21.41 -5.21 -22.80
C HIS A 533 20.29 -5.09 -23.82
N SER A 534 19.04 -5.12 -23.37
CA SER A 534 17.86 -4.87 -24.19
C SER A 534 17.71 -3.37 -24.46
N GLN A 535 17.01 -3.06 -25.54
CA GLN A 535 16.82 -1.66 -25.91
C GLN A 535 15.76 -0.96 -25.07
N ARG A 536 14.64 -1.63 -24.78
CA ARG A 536 13.58 -1.05 -23.96
C ARG A 536 13.98 -1.05 -22.48
N HIS A 537 13.07 -0.58 -21.65
CA HIS A 537 13.32 -0.59 -20.21
C HIS A 537 11.99 -0.78 -19.48
N ILE A 538 12.09 -1.26 -18.25
CA ILE A 538 10.92 -1.38 -17.39
C ILE A 538 10.91 -0.18 -16.45
N ASN A 539 9.72 0.43 -16.31
CA ASN A 539 9.58 1.65 -15.53
C ASN A 539 9.44 1.38 -14.03
N GLU A 540 8.59 0.43 -13.65
CA GLU A 540 8.52 0.00 -12.26
C GLU A 540 9.93 -0.16 -11.70
N ILE A 541 10.15 0.34 -10.48
CA ILE A 541 11.47 0.26 -9.89
C ILE A 541 11.77 -1.15 -9.37
N THR A 542 10.81 -1.79 -8.72
CA THR A 542 11.04 -3.09 -8.08
C THR A 542 10.40 -4.19 -8.90
N LEU A 543 11.17 -5.24 -9.19
CA LEU A 543 10.74 -6.34 -10.06
C LEU A 543 10.77 -7.63 -9.25
N ASN A 544 9.63 -8.30 -9.16
CA ASN A 544 9.41 -9.44 -8.29
C ASN A 544 9.33 -10.73 -9.07
N ILE A 545 9.98 -11.78 -8.58
CA ILE A 545 9.89 -13.10 -9.20
C ILE A 545 8.98 -13.94 -8.33
N PRO A 546 7.95 -14.60 -8.91
CA PRO A 546 6.97 -15.32 -8.10
C PRO A 546 7.43 -16.72 -7.72
N ALA A 547 6.58 -17.52 -7.09
CA ALA A 547 6.87 -18.93 -6.81
C ALA A 547 6.38 -19.82 -7.96
N ASN A 548 7.31 -20.54 -8.60
CA ASN A 548 7.03 -21.19 -9.90
C ASN A 548 7.99 -22.34 -10.29
N THR B 4 -14.68 20.57 30.02
CA THR B 4 -15.58 20.95 28.94
C THR B 4 -15.44 20.03 27.67
N GLY B 5 -14.28 19.37 27.51
CA GLY B 5 -14.09 18.30 26.54
C GLY B 5 -13.54 18.73 25.19
N ARG B 6 -13.08 17.73 24.42
CA ARG B 6 -12.30 17.93 23.19
C ARG B 6 -13.14 18.17 21.95
N LEU B 7 -14.44 17.88 21.97
CA LEU B 7 -15.33 18.13 20.85
C LEU B 7 -16.36 19.18 21.21
N ALA B 8 -16.05 20.01 22.22
CA ALA B 8 -16.99 20.94 22.83
C ALA B 8 -17.57 21.90 21.80
N GLY B 9 -18.89 22.00 21.79
CA GLY B 9 -19.62 22.91 20.94
C GLY B 9 -19.88 22.39 19.54
N LYS B 10 -19.41 21.20 19.21
CA LYS B 10 -19.51 20.73 17.84
C LYS B 10 -20.67 19.75 17.72
N ILE B 11 -21.31 19.80 16.55
CA ILE B 11 -22.49 19.01 16.22
C ILE B 11 -22.07 17.78 15.41
N ALA B 12 -22.28 16.59 15.98
CA ALA B 12 -21.89 15.32 15.36
C ALA B 12 -23.14 14.51 14.99
N LEU B 13 -23.22 14.07 13.73
CA LEU B 13 -24.25 13.11 13.31
C LEU B 13 -23.66 11.71 13.24
N ILE B 14 -24.30 10.76 13.90
CA ILE B 14 -23.78 9.40 13.97
C ILE B 14 -24.84 8.45 13.44
N THR B 15 -24.51 7.73 12.35
CA THR B 15 -25.42 6.69 11.90
C THR B 15 -25.07 5.39 12.61
N GLY B 16 -25.93 4.39 12.45
CA GLY B 16 -25.78 3.13 13.17
C GLY B 16 -25.71 3.29 14.69
N GLY B 17 -26.46 4.25 15.23
CA GLY B 17 -26.40 4.54 16.65
C GLY B 17 -26.76 3.36 17.53
N ALA B 18 -27.57 2.43 17.02
CA ALA B 18 -28.01 1.30 17.84
C ALA B 18 -26.89 0.33 18.14
N GLY B 19 -26.01 0.10 17.17
CA GLY B 19 -25.00 -0.92 17.28
C GLY B 19 -24.02 -0.69 18.40
N ASN B 20 -23.29 -1.76 18.72
CA ASN B 20 -22.26 -1.73 19.75
C ASN B 20 -21.34 -0.52 19.58
N ILE B 21 -20.69 -0.42 18.41
CA ILE B 21 -19.75 0.65 18.16
C ILE B 21 -20.46 2.00 18.12
N GLY B 22 -21.64 2.06 17.49
CA GLY B 22 -22.35 3.33 17.42
C GLY B 22 -22.74 3.85 18.76
N SER B 23 -23.03 2.96 19.71
CA SER B 23 -23.45 3.34 21.04
C SER B 23 -22.30 3.99 21.81
N GLU B 24 -21.12 3.35 21.76
CA GLU B 24 -19.92 3.86 22.42
C GLU B 24 -19.43 5.16 21.78
N LEU B 25 -19.57 5.30 20.47
CA LEU B 25 -19.21 6.56 19.82
C LEU B 25 -20.10 7.68 20.32
N THR B 26 -21.37 7.37 20.57
CA THR B 26 -22.30 8.37 21.06
C THR B 26 -21.95 8.78 22.48
N ARG B 27 -21.75 7.80 23.37
CA ARG B 27 -21.47 8.10 24.77
C ARG B 27 -20.19 8.90 24.90
N ARG B 28 -19.16 8.53 24.12
CA ARG B 28 -17.87 9.22 24.18
C ARG B 28 -17.92 10.63 23.59
N PHE B 29 -18.63 10.84 22.48
CA PHE B 29 -18.71 12.21 21.97
C PHE B 29 -19.49 13.10 22.91
N LEU B 30 -20.51 12.55 23.56
CA LEU B 30 -21.25 13.33 24.54
C LEU B 30 -20.33 13.74 25.67
N ALA B 31 -19.53 12.79 26.16
CA ALA B 31 -18.56 13.12 27.19
C ALA B 31 -17.48 14.08 26.71
N GLU B 32 -17.22 14.16 25.41
CA GLU B 32 -16.24 15.12 24.90
C GLU B 32 -16.85 16.46 24.55
N GLY B 33 -18.08 16.74 24.98
CA GLY B 33 -18.69 18.05 24.84
C GLY B 33 -19.46 18.30 23.56
N ALA B 34 -19.66 17.26 22.74
CA ALA B 34 -20.43 17.35 21.50
C ALA B 34 -21.94 17.24 21.74
N THR B 35 -22.69 17.77 20.78
CA THR B 35 -24.12 17.47 20.64
C THR B 35 -24.26 16.45 19.52
N VAL B 36 -24.62 15.21 19.86
CA VAL B 36 -24.69 14.17 18.87
C VAL B 36 -26.15 13.97 18.49
N ILE B 37 -26.39 13.84 17.19
CA ILE B 37 -27.68 13.40 16.67
C ILE B 37 -27.47 11.97 16.20
N ILE B 38 -28.27 11.05 16.72
CA ILE B 38 -28.25 9.65 16.32
C ILE B 38 -29.37 9.42 15.32
N SER B 39 -29.06 8.68 14.27
CA SER B 39 -29.99 8.46 13.17
C SER B 39 -30.19 6.96 13.01
N GLY B 40 -31.45 6.56 12.79
CA GLY B 40 -31.80 5.16 12.75
C GLY B 40 -33.16 4.94 12.13
N ARG B 41 -33.53 3.67 12.03
CA ARG B 41 -34.73 3.28 11.29
C ARG B 41 -35.99 3.24 12.16
N ASN B 42 -35.90 2.90 13.45
CA ASN B 42 -37.08 2.76 14.30
C ASN B 42 -37.16 3.88 15.32
N ARG B 43 -38.32 4.56 15.38
CA ARG B 43 -38.44 5.72 16.27
C ARG B 43 -38.45 5.33 17.75
N ALA B 44 -38.97 4.16 18.09
CA ALA B 44 -38.87 3.74 19.48
C ALA B 44 -37.43 3.35 19.84
N LYS B 45 -36.72 2.74 18.90
CA LYS B 45 -35.35 2.29 19.20
C LYS B 45 -34.44 3.46 19.49
N LEU B 46 -34.53 4.54 18.70
CA LEU B 46 -33.66 5.69 18.92
C LEU B 46 -33.95 6.35 20.26
N THR B 47 -35.23 6.54 20.56
CA THR B 47 -35.63 7.19 21.81
C THR B 47 -35.17 6.40 23.03
N ALA B 48 -35.25 5.06 22.97
CA ALA B 48 -34.70 4.25 24.05
C ALA B 48 -33.18 4.44 24.14
N LEU B 49 -32.49 4.41 22.99
CA LEU B 49 -31.05 4.61 22.96
C LEU B 49 -30.67 5.99 23.50
N ALA B 50 -31.34 7.04 23.01
CA ALA B 50 -31.01 8.40 23.42
C ALA B 50 -31.23 8.63 24.91
N GLU B 51 -32.33 8.09 25.47
CA GLU B 51 -32.47 8.14 26.92
C GLU B 51 -31.34 7.38 27.58
N ARG B 52 -31.01 6.19 27.04
CA ARG B 52 -29.91 5.39 27.56
C ARG B 52 -28.58 6.13 27.45
N MET B 53 -28.32 6.74 26.27
CA MET B 53 -27.03 7.38 26.03
C MET B 53 -26.92 8.68 26.80
N GLN B 54 -28.04 9.35 27.04
CA GLN B 54 -28.08 10.46 27.98
C GLN B 54 -27.73 10.01 29.39
N ALA B 55 -28.33 8.91 29.85
CA ALA B 55 -28.11 8.45 31.21
C ALA B 55 -26.66 8.06 31.44
N GLU B 56 -26.07 7.37 30.46
CA GLU B 56 -24.67 6.92 30.54
C GLU B 56 -23.70 8.11 30.56
N ALA B 57 -23.94 9.11 29.71
CA ALA B 57 -23.06 10.29 29.60
C ALA B 57 -23.17 11.25 30.79
N GLY B 58 -24.32 11.34 31.46
CA GLY B 58 -24.49 12.37 32.49
C GLY B 58 -24.54 13.78 31.94
N VAL B 59 -25.29 14.00 30.87
CA VAL B 59 -25.25 15.20 30.04
C VAL B 59 -26.62 15.91 29.97
N PRO B 60 -26.67 17.25 29.77
CA PRO B 60 -27.97 17.92 29.54
C PRO B 60 -28.84 17.27 28.47
N ALA B 61 -30.13 17.56 28.48
CA ALA B 61 -31.05 16.92 27.56
C ALA B 61 -30.89 17.46 26.15
N LYS B 62 -30.73 18.79 25.99
CA LYS B 62 -30.68 19.33 24.64
C LYS B 62 -29.40 18.90 23.88
N ARG B 63 -28.41 18.31 24.59
CA ARG B 63 -27.16 17.88 23.97
C ARG B 63 -27.31 16.55 23.22
N ILE B 64 -28.43 15.84 23.43
CA ILE B 64 -28.73 14.61 22.69
C ILE B 64 -29.97 14.85 21.82
N ASP B 65 -29.99 14.18 20.66
CA ASP B 65 -31.06 14.39 19.69
C ASP B 65 -31.11 13.18 18.75
N LEU B 66 -32.23 13.05 18.04
CA LEU B 66 -32.38 11.94 17.10
C LEU B 66 -33.15 12.41 15.87
N GLU B 67 -32.87 11.72 14.75
CA GLU B 67 -33.57 11.89 13.50
C GLU B 67 -33.94 10.49 13.00
N VAL B 68 -35.22 10.27 12.68
CA VAL B 68 -35.66 8.96 12.20
C VAL B 68 -35.59 8.97 10.68
N MET B 69 -34.78 8.08 10.12
CA MET B 69 -34.51 8.09 8.69
C MET B 69 -34.30 6.68 8.19
N ASP B 70 -34.53 6.51 6.89
CA ASP B 70 -34.06 5.34 6.16
C ASP B 70 -32.83 5.80 5.40
N GLY B 71 -31.65 5.50 5.95
CA GLY B 71 -30.40 5.93 5.34
C GLY B 71 -30.18 5.42 3.92
N SER B 72 -30.95 4.42 3.48
CA SER B 72 -30.86 3.97 2.10
C SER B 72 -31.53 4.94 1.13
N ASP B 73 -32.58 5.62 1.56
CA ASP B 73 -33.33 6.48 0.64
C ASP B 73 -32.70 7.88 0.59
N PRO B 74 -32.13 8.30 -0.54
CA PRO B 74 -31.57 9.66 -0.60
C PRO B 74 -32.60 10.77 -0.47
N VAL B 75 -33.87 10.52 -0.80
CA VAL B 75 -34.86 11.55 -0.56
C VAL B 75 -35.30 11.59 0.91
N ALA B 76 -35.34 10.43 1.59
CA ALA B 76 -35.46 10.45 3.04
C ALA B 76 -34.27 11.13 3.68
N VAL B 77 -33.10 11.06 3.04
CA VAL B 77 -31.90 11.73 3.55
C VAL B 77 -32.01 13.24 3.39
N ARG B 78 -32.53 13.71 2.25
CA ARG B 78 -32.74 15.14 2.11
C ARG B 78 -33.73 15.63 3.16
N ALA B 79 -34.84 14.91 3.35
CA ALA B 79 -35.79 15.26 4.41
C ALA B 79 -35.11 15.33 5.78
N GLY B 80 -34.36 14.28 6.12
CA GLY B 80 -33.77 14.22 7.45
C GLY B 80 -32.74 15.30 7.69
N ILE B 81 -31.88 15.55 6.71
CA ILE B 81 -30.83 16.55 6.88
C ILE B 81 -31.43 17.95 7.06
N GLU B 82 -32.47 18.26 6.28
CA GLU B 82 -33.09 19.59 6.38
C GLU B 82 -33.65 19.83 7.77
N ALA B 83 -34.27 18.80 8.37
CA ALA B 83 -34.75 18.89 9.74
C ALA B 83 -33.60 19.08 10.72
N ILE B 84 -32.52 18.31 10.57
CA ILE B 84 -31.38 18.44 11.47
C ILE B 84 -30.76 19.84 11.41
N VAL B 85 -30.55 20.34 10.19
CA VAL B 85 -30.01 21.69 10.03
C VAL B 85 -30.91 22.73 10.66
N ALA B 86 -32.22 22.58 10.47
CA ALA B 86 -33.18 23.59 10.91
C ALA B 86 -33.18 23.73 12.44
N ARG B 87 -32.82 22.67 13.16
CA ARG B 87 -32.70 22.74 14.61
C ARG B 87 -31.32 23.24 15.03
N HIS B 88 -30.26 22.87 14.29
CA HIS B 88 -28.89 23.03 14.76
C HIS B 88 -28.01 23.92 13.90
N GLY B 89 -28.37 24.20 12.66
CA GLY B 89 -27.67 25.09 11.77
C GLY B 89 -26.58 24.46 10.91
N GLN B 90 -25.82 23.51 11.45
CA GLN B 90 -24.68 23.00 10.71
C GLN B 90 -24.30 21.64 11.28
N ILE B 91 -23.47 20.91 10.53
CA ILE B 91 -22.92 19.63 10.98
C ILE B 91 -21.40 19.76 11.00
N ASP B 92 -20.80 19.42 12.13
CA ASP B 92 -19.36 19.53 12.32
C ASP B 92 -18.63 18.20 12.14
N ILE B 93 -19.27 17.10 12.54
CA ILE B 93 -18.73 15.77 12.35
C ILE B 93 -19.84 14.95 11.69
N LEU B 94 -19.49 14.18 10.65
CA LEU B 94 -20.34 13.15 10.08
C LEU B 94 -19.64 11.81 10.24
N VAL B 95 -20.26 10.91 10.97
CA VAL B 95 -19.74 9.58 11.23
C VAL B 95 -20.64 8.55 10.56
N ASN B 96 -20.08 7.84 9.58
CA ASN B 96 -20.81 6.81 8.84
C ASN B 96 -20.49 5.46 9.49
N ASN B 97 -21.45 4.90 10.22
CA ASN B 97 -21.22 3.68 10.98
C ASN B 97 -21.80 2.42 10.33
N ALA B 98 -23.07 2.43 9.93
CA ALA B 98 -23.62 1.35 9.09
C ALA B 98 -23.50 -0.06 9.66
N GLY B 99 -24.35 -0.39 10.63
CA GLY B 99 -24.37 -1.72 11.25
C GLY B 99 -24.84 -2.98 10.53
N SER B 100 -25.07 -2.96 9.21
CA SER B 100 -25.42 -4.23 8.57
C SER B 100 -24.24 -5.19 8.62
N ALA B 101 -24.55 -6.46 8.87
CA ALA B 101 -23.58 -7.53 8.93
C ALA B 101 -23.61 -8.44 7.69
N GLY B 102 -24.59 -8.27 6.81
CA GLY B 102 -24.71 -9.02 5.59
C GLY B 102 -25.31 -10.40 5.82
N ALA B 103 -25.78 -11.01 4.74
CA ALA B 103 -26.21 -12.40 4.81
C ALA B 103 -25.00 -13.30 4.97
N GLN B 104 -25.13 -14.35 5.79
CA GLN B 104 -24.01 -15.26 6.04
C GLN B 104 -24.19 -16.50 5.17
N ARG B 105 -23.85 -16.39 3.89
CA ARG B 105 -23.95 -17.50 2.95
C ARG B 105 -22.85 -17.42 1.88
N ARG B 106 -22.60 -18.57 1.26
CA ARG B 106 -21.65 -18.69 0.16
C ARG B 106 -22.16 -17.96 -1.07
N LEU B 107 -21.23 -17.68 -2.00
CA LEU B 107 -21.58 -16.83 -3.13
C LEU B 107 -22.71 -17.44 -3.95
N ALA B 108 -22.71 -18.76 -4.11
CA ALA B 108 -23.76 -19.43 -4.86
C ALA B 108 -25.13 -19.29 -4.18
N GLU B 109 -25.17 -19.17 -2.86
CA GLU B 109 -26.40 -19.26 -2.08
C GLU B 109 -26.98 -17.90 -1.66
N ILE B 110 -26.41 -16.79 -2.14
CA ILE B 110 -26.81 -15.45 -1.68
C ILE B 110 -28.26 -15.12 -2.07
N PRO B 111 -29.05 -14.51 -1.18
CA PRO B 111 -30.43 -14.13 -1.52
C PRO B 111 -30.53 -12.82 -2.29
N LEU B 112 -31.40 -12.81 -3.30
CA LEU B 112 -31.60 -11.65 -4.16
C LEU B 112 -32.98 -11.05 -4.06
N THR B 113 -33.97 -11.80 -3.58
CA THR B 113 -35.34 -11.34 -3.42
C THR B 113 -35.86 -11.81 -2.07
N GLU B 114 -36.87 -11.09 -1.59
CA GLU B 114 -37.44 -11.38 -0.28
C GLU B 114 -37.89 -12.83 -0.17
N ALA B 115 -38.54 -13.35 -1.21
CA ALA B 115 -38.95 -14.75 -1.22
C ALA B 115 -37.75 -15.66 -0.97
N GLU B 116 -36.62 -15.35 -1.61
CA GLU B 116 -35.40 -16.13 -1.49
C GLU B 116 -34.73 -15.91 -0.13
N LEU B 117 -35.19 -14.94 0.64
CA LEU B 117 -34.62 -14.69 1.95
C LEU B 117 -34.89 -15.85 2.91
N GLY B 118 -33.92 -16.10 3.79
CA GLY B 118 -33.94 -17.20 4.72
C GLY B 118 -33.34 -16.88 6.08
N PRO B 119 -33.26 -17.88 6.97
CA PRO B 119 -32.68 -17.66 8.30
C PRO B 119 -31.18 -17.49 8.22
N GLY B 120 -30.67 -16.54 9.01
CA GLY B 120 -29.25 -16.22 8.94
C GLY B 120 -28.87 -15.38 7.74
N ALA B 121 -29.83 -15.11 6.86
CA ALA B 121 -29.67 -14.24 5.70
C ALA B 121 -30.91 -13.34 5.66
N GLU B 122 -30.85 -12.21 6.37
CA GLU B 122 -32.04 -11.41 6.66
C GLU B 122 -32.24 -10.24 5.71
N GLU B 123 -31.29 -9.96 4.82
CA GLU B 123 -31.43 -8.88 3.86
C GLU B 123 -31.12 -9.43 2.48
N THR B 124 -31.70 -8.80 1.47
CA THR B 124 -31.30 -9.08 0.10
C THR B 124 -29.86 -8.58 -0.14
N LEU B 125 -29.27 -9.06 -1.24
CA LEU B 125 -27.98 -8.48 -1.63
C LEU B 125 -28.10 -6.98 -1.85
N HIS B 126 -29.12 -6.55 -2.57
CA HIS B 126 -29.21 -5.13 -2.88
C HIS B 126 -29.40 -4.30 -1.60
N ALA B 127 -30.16 -4.83 -0.62
CA ALA B 127 -30.27 -4.17 0.69
C ALA B 127 -28.92 -4.10 1.39
N SER B 128 -28.15 -5.20 1.37
CA SER B 128 -26.80 -5.17 1.95
C SER B 128 -25.92 -4.13 1.26
N ILE B 129 -26.05 -4.00 -0.06
CA ILE B 129 -25.26 -2.98 -0.76
C ILE B 129 -25.77 -1.58 -0.43
N ALA B 130 -27.10 -1.41 -0.35
CA ALA B 130 -27.67 -0.08 -0.09
C ALA B 130 -27.41 0.39 1.33
N ASN B 131 -27.28 -0.53 2.29
CA ASN B 131 -26.97 -0.19 3.67
C ASN B 131 -25.50 0.15 3.86
N LEU B 132 -24.61 -0.70 3.31
CA LEU B 132 -23.18 -0.68 3.62
C LEU B 132 -22.37 0.23 2.72
N LEU B 133 -22.88 0.54 1.53
CA LEU B 133 -22.22 1.45 0.59
C LEU B 133 -23.09 2.64 0.22
N GLY B 134 -24.37 2.42 -0.07
CA GLY B 134 -25.23 3.53 -0.44
C GLY B 134 -25.35 4.58 0.65
N MET B 135 -25.62 4.15 1.89
CA MET B 135 -25.96 5.11 2.94
C MET B 135 -24.88 6.17 3.13
N GLY B 136 -23.65 5.76 3.37
CA GLY B 136 -22.59 6.74 3.59
C GLY B 136 -22.44 7.67 2.40
N TRP B 137 -22.59 7.12 1.20
CA TRP B 137 -22.45 7.91 -0.02
C TRP B 137 -23.48 9.04 -0.04
N HIS B 138 -24.73 8.72 0.33
CA HIS B 138 -25.80 9.70 0.23
C HIS B 138 -25.61 10.83 1.24
N LEU B 139 -25.18 10.50 2.45
CA LEU B 139 -24.89 11.53 3.46
C LEU B 139 -23.78 12.47 2.99
N MET B 140 -22.66 11.92 2.51
CA MET B 140 -21.56 12.77 2.07
C MET B 140 -22.01 13.74 1.00
N ARG B 141 -23.01 13.38 0.20
CA ARG B 141 -23.44 14.29 -0.84
C ARG B 141 -24.39 15.34 -0.27
N ILE B 142 -25.28 14.96 0.63
CA ILE B 142 -26.33 15.85 1.10
C ILE B 142 -25.88 16.66 2.32
N ALA B 143 -25.16 16.07 3.25
CA ALA B 143 -24.73 16.86 4.40
C ALA B 143 -23.65 17.88 4.03
N ALA B 144 -22.81 17.55 3.05
CA ALA B 144 -21.63 18.36 2.73
C ALA B 144 -21.91 19.84 2.50
N PRO B 145 -23.00 20.25 1.84
CA PRO B 145 -23.29 21.70 1.74
C PRO B 145 -23.61 22.38 3.06
N HIS B 146 -23.73 21.65 4.16
CA HIS B 146 -24.03 22.22 5.47
C HIS B 146 -22.88 22.04 6.45
N MET B 147 -21.69 21.70 5.94
CA MET B 147 -20.51 21.48 6.77
C MET B 147 -19.53 22.59 6.51
N PRO B 148 -19.17 23.39 7.51
CA PRO B 148 -18.23 24.49 7.27
C PRO B 148 -16.81 23.97 7.02
N VAL B 149 -16.00 24.87 6.46
CA VAL B 149 -14.57 24.68 6.30
C VAL B 149 -14.00 24.25 7.64
N GLY B 150 -13.33 23.10 7.68
CA GLY B 150 -12.80 22.56 8.91
C GLY B 150 -13.52 21.34 9.40
N SER B 151 -14.63 20.98 8.77
CA SER B 151 -15.43 19.84 9.21
C SER B 151 -14.69 18.52 8.96
N ALA B 152 -15.25 17.45 9.52
CA ALA B 152 -14.66 16.12 9.39
C ALA B 152 -15.75 15.14 8.98
N VAL B 153 -15.45 14.33 7.96
CA VAL B 153 -16.19 13.11 7.66
C VAL B 153 -15.34 11.96 8.20
N ILE B 154 -15.99 11.04 8.92
CA ILE B 154 -15.35 9.80 9.35
C ILE B 154 -16.14 8.63 8.74
N ASN B 155 -15.45 7.77 8.00
CA ASN B 155 -16.05 6.56 7.44
C ASN B 155 -15.53 5.34 8.20
N VAL B 156 -16.44 4.53 8.75
CA VAL B 156 -16.08 3.35 9.52
C VAL B 156 -16.23 2.12 8.63
N SER B 157 -15.09 1.54 8.25
CA SER B 157 -14.98 0.32 7.46
C SER B 157 -14.67 -0.86 8.39
N THR B 158 -14.21 -1.98 7.83
CA THR B 158 -13.71 -3.08 8.64
C THR B 158 -12.33 -3.52 8.13
N ILE B 159 -11.54 -4.19 8.98
CA ILE B 159 -10.27 -4.73 8.48
C ILE B 159 -10.55 -5.84 7.49
N PHE B 160 -11.68 -6.50 7.63
CA PHE B 160 -11.96 -7.67 6.82
C PHE B 160 -12.31 -7.32 5.39
N SER B 161 -12.45 -6.05 5.04
CA SER B 161 -12.67 -5.69 3.65
C SER B 161 -11.45 -5.93 2.75
N ARG B 162 -10.32 -6.40 3.28
CA ARG B 162 -9.22 -6.75 2.43
C ARG B 162 -8.72 -8.16 2.71
N ALA B 163 -9.46 -8.92 3.49
CA ALA B 163 -9.03 -10.20 4.01
C ALA B 163 -9.91 -11.31 3.45
N GLU B 164 -9.36 -12.52 3.45
CA GLU B 164 -10.12 -13.70 3.04
C GLU B 164 -11.14 -14.00 4.14
N TYR B 165 -12.43 -13.81 3.83
CA TYR B 165 -13.49 -13.84 4.82
C TYR B 165 -14.60 -14.73 4.27
N TYR B 166 -14.52 -16.01 4.58
CA TYR B 166 -15.41 -17.02 4.02
C TYR B 166 -16.90 -16.73 4.23
N GLY B 167 -17.67 -16.81 3.16
CA GLY B 167 -19.11 -16.63 3.23
C GLY B 167 -19.60 -15.22 3.48
N ARG B 168 -18.75 -14.21 3.34
CA ARG B 168 -19.16 -12.89 3.80
C ARG B 168 -19.17 -11.84 2.68
N ILE B 169 -19.40 -12.28 1.44
CA ILE B 169 -19.30 -11.34 0.32
C ILE B 169 -20.26 -10.19 0.39
N PRO B 170 -21.56 -10.36 0.71
CA PRO B 170 -22.45 -9.18 0.73
C PRO B 170 -22.05 -8.15 1.79
N TYR B 171 -21.39 -8.58 2.86
CA TYR B 171 -20.85 -7.65 3.84
C TYR B 171 -19.55 -7.00 3.34
N VAL B 172 -18.62 -7.84 2.88
CA VAL B 172 -17.24 -7.37 2.77
C VAL B 172 -17.01 -6.55 1.49
N THR B 173 -17.80 -6.79 0.45
CA THR B 173 -17.58 -6.17 -0.86
C THR B 173 -18.02 -4.71 -0.96
N PRO B 174 -19.21 -4.31 -0.46
CA PRO B 174 -19.54 -2.89 -0.44
C PRO B 174 -18.62 -2.11 0.48
N LYS B 175 -18.01 -2.77 1.46
CA LYS B 175 -16.99 -2.14 2.28
C LYS B 175 -15.73 -1.83 1.48
N ALA B 176 -15.26 -2.79 0.69
CA ALA B 176 -14.12 -2.52 -0.17
C ALA B 176 -14.42 -1.36 -1.11
N ALA B 177 -15.65 -1.28 -1.61
CA ALA B 177 -16.05 -0.19 -2.48
C ALA B 177 -16.09 1.13 -1.71
N LEU B 178 -16.54 1.11 -0.46
CA LEU B 178 -16.63 2.35 0.32
C LEU B 178 -15.26 2.97 0.53
N ASN B 179 -14.25 2.14 0.78
CA ASN B 179 -12.89 2.68 0.91
C ASN B 179 -12.55 3.54 -0.30
N ALA B 180 -12.73 2.98 -1.49
CA ALA B 180 -12.50 3.74 -2.72
C ALA B 180 -13.33 5.02 -2.74
N LEU B 181 -14.59 4.94 -2.32
CA LEU B 181 -15.42 6.13 -2.23
C LEU B 181 -14.82 7.18 -1.30
N SER B 182 -14.29 6.76 -0.15
CA SER B 182 -13.73 7.72 0.79
C SER B 182 -12.59 8.52 0.15
N GLN B 183 -11.60 7.81 -0.41
CA GLN B 183 -10.46 8.50 -1.01
C GLN B 183 -10.89 9.50 -2.08
N LEU B 184 -11.80 9.09 -2.95
CA LEU B 184 -12.28 9.99 -3.99
C LEU B 184 -13.05 11.17 -3.38
N ALA B 185 -13.81 10.94 -2.30
CA ALA B 185 -14.54 12.05 -1.67
C ALA B 185 -13.61 13.00 -0.96
N ALA B 186 -12.44 12.52 -0.52
CA ALA B 186 -11.42 13.41 0.05
C ALA B 186 -10.96 14.44 -0.98
N ARG B 187 -10.81 14.04 -2.25
CA ARG B 187 -10.43 15.00 -3.29
C ARG B 187 -11.45 16.12 -3.43
N GLU B 188 -12.72 15.78 -3.60
CA GLU B 188 -13.74 16.78 -3.91
C GLU B 188 -14.16 17.60 -2.68
N LEU B 189 -14.20 16.98 -1.51
CA LEU B 189 -14.54 17.69 -0.29
C LEU B 189 -13.33 18.42 0.28
N GLY B 190 -12.14 17.82 0.12
CA GLY B 190 -10.91 18.53 0.44
C GLY B 190 -10.79 19.85 -0.29
N ALA B 191 -11.31 19.94 -1.51
CA ALA B 191 -11.28 21.22 -2.20
C ALA B 191 -12.23 22.22 -1.58
N ARG B 192 -13.07 21.77 -0.64
CA ARG B 192 -13.97 22.63 0.13
C ARG B 192 -13.48 22.89 1.54
N GLY B 193 -12.34 22.35 1.94
CA GLY B 193 -11.93 22.47 3.32
C GLY B 193 -12.54 21.45 4.25
N ILE B 194 -13.18 20.41 3.72
CA ILE B 194 -13.81 19.37 4.52
C ILE B 194 -12.97 18.12 4.38
N ARG B 195 -12.51 17.57 5.50
CA ARG B 195 -11.65 16.40 5.46
C ARG B 195 -12.42 15.11 5.67
N VAL B 196 -11.97 14.05 4.97
CA VAL B 196 -12.55 12.72 5.02
C VAL B 196 -11.44 11.76 5.44
N ASN B 197 -11.77 10.80 6.31
CA ASN B 197 -10.80 9.86 6.87
C ASN B 197 -11.52 8.58 7.28
N THR B 198 -10.76 7.48 7.47
CA THR B 198 -11.33 6.14 7.59
C THR B 198 -10.73 5.33 8.75
N ILE B 199 -11.59 4.60 9.49
CA ILE B 199 -11.21 3.73 10.60
C ILE B 199 -11.51 2.27 10.21
N PHE B 200 -10.53 1.38 10.41
CA PHE B 200 -10.68 -0.05 10.18
C PHE B 200 -10.63 -0.81 11.49
N PRO B 201 -11.73 -0.95 12.20
CA PRO B 201 -11.73 -1.79 13.40
C PRO B 201 -11.39 -3.22 13.02
N GLY B 202 -10.63 -3.87 13.89
CA GLY B 202 -10.41 -5.30 13.78
C GLY B 202 -11.62 -6.03 14.27
N PRO B 203 -11.45 -7.29 14.66
CA PRO B 203 -12.50 -7.96 15.43
C PRO B 203 -12.66 -7.28 16.79
N ILE B 204 -13.84 -6.68 17.03
CA ILE B 204 -14.12 -5.96 18.26
C ILE B 204 -14.87 -6.88 19.23
N GLU B 205 -14.75 -6.60 20.53
CA GLU B 205 -15.36 -7.44 21.57
C GLU B 205 -16.89 -7.33 21.56
N SER B 206 -17.58 -8.46 21.46
CA SER B 206 -19.03 -8.49 21.55
C SER B 206 -19.49 -9.87 21.98
N ASP B 207 -20.74 -9.95 22.46
CA ASP B 207 -21.41 -11.24 22.54
C ASP B 207 -21.86 -11.73 21.16
N ARG B 208 -22.22 -10.80 20.28
CA ARG B 208 -22.66 -11.17 18.93
C ARG B 208 -21.50 -11.73 18.11
N ILE B 209 -20.33 -11.07 18.12
CA ILE B 209 -19.20 -11.50 17.29
C ILE B 209 -18.72 -12.89 17.68
N ARG B 210 -18.93 -13.29 18.95
CA ARG B 210 -18.61 -14.66 19.34
C ARG B 210 -19.37 -15.68 18.48
N THR B 211 -20.70 -15.49 18.35
CA THR B 211 -21.53 -16.42 17.60
C THR B 211 -21.24 -16.36 16.09
N VAL B 212 -20.84 -15.18 15.57
CA VAL B 212 -20.64 -15.08 14.13
C VAL B 212 -19.32 -15.70 13.68
N PHE B 213 -18.30 -15.78 14.55
CA PHE B 213 -17.15 -16.60 14.21
C PHE B 213 -17.49 -18.08 14.21
N GLN B 214 -18.44 -18.48 15.07
CA GLN B 214 -18.92 -19.86 15.07
C GLN B 214 -19.65 -20.21 13.77
N ARG B 215 -20.48 -19.30 13.27
CA ARG B 215 -21.21 -19.61 12.04
C ARG B 215 -20.25 -19.74 10.88
N MET B 216 -19.23 -18.89 10.85
CA MET B 216 -18.17 -19.02 9.86
C MET B 216 -17.39 -20.32 10.04
N ASP B 217 -17.13 -20.72 11.28
CA ASP B 217 -16.49 -22.01 11.53
C ASP B 217 -17.34 -23.16 11.02
N GLN B 218 -18.65 -23.11 11.27
CA GLN B 218 -19.55 -24.18 10.82
C GLN B 218 -19.60 -24.24 9.29
N LEU B 219 -19.63 -23.07 8.64
CA LEU B 219 -19.67 -23.04 7.18
C LEU B 219 -18.41 -23.68 6.58
N LYS B 220 -17.27 -23.47 7.21
CA LYS B 220 -16.03 -24.15 6.84
C LYS B 220 -16.06 -25.53 7.49
N GLY B 221 -15.01 -26.28 7.40
CA GLY B 221 -15.11 -27.56 8.08
C GLY B 221 -14.80 -27.50 9.54
N ARG B 222 -14.36 -26.33 10.02
CA ARG B 222 -13.32 -26.34 11.01
C ARG B 222 -13.89 -26.16 12.41
N PRO B 223 -13.18 -26.67 13.43
CA PRO B 223 -13.78 -26.74 14.78
C PRO B 223 -13.73 -25.43 15.58
N GLU B 224 -14.01 -25.53 16.88
CA GLU B 224 -14.05 -24.37 17.77
C GLU B 224 -12.84 -23.47 17.61
N GLY B 225 -13.05 -22.16 17.68
CA GLY B 225 -11.96 -21.20 17.71
C GLY B 225 -11.23 -20.96 16.41
N ASP B 226 -11.54 -21.70 15.34
CA ASP B 226 -10.69 -21.71 14.16
C ASP B 226 -10.54 -20.34 13.50
N THR B 227 -11.64 -19.71 13.10
CA THR B 227 -11.52 -18.41 12.43
C THR B 227 -10.90 -17.38 13.34
N ALA B 228 -11.17 -17.47 14.65
CA ALA B 228 -10.64 -16.50 15.60
C ALA B 228 -9.14 -16.70 15.82
N HIS B 229 -8.70 -17.93 16.13
CA HIS B 229 -7.28 -18.16 16.38
C HIS B 229 -6.44 -17.74 15.19
N HIS B 230 -6.96 -17.89 13.96
CA HIS B 230 -6.20 -17.50 12.79
C HIS B 230 -5.94 -16.00 12.74
N PHE B 231 -6.97 -15.19 13.03
CA PHE B 231 -6.78 -13.74 12.95
C PHE B 231 -6.05 -13.18 14.16
N LEU B 232 -6.21 -13.80 15.32
CA LEU B 232 -5.42 -13.39 16.48
C LEU B 232 -3.93 -13.52 16.18
N ASN B 233 -3.57 -14.52 15.37
CA ASN B 233 -2.18 -14.83 15.07
C ASN B 233 -1.54 -13.86 14.07
N THR B 234 -2.34 -13.13 13.28
CA THR B 234 -1.78 -12.05 12.47
C THR B 234 -1.45 -10.82 13.29
N MET B 235 -1.76 -10.81 14.59
CA MET B 235 -1.58 -9.64 15.44
C MET B 235 -0.14 -9.50 15.95
N ARG B 236 0.43 -8.34 15.71
CA ARG B 236 1.77 -8.04 16.18
C ARG B 236 1.81 -7.59 17.65
N LEU B 237 0.77 -6.88 18.13
CA LEU B 237 0.79 -6.25 19.46
C LEU B 237 0.05 -7.10 20.49
N CYS B 238 0.76 -7.52 21.53
CA CYS B 238 0.19 -8.19 22.69
C CYS B 238 -0.19 -7.16 23.75
N ARG B 239 -1.13 -7.55 24.63
CA ARG B 239 -1.57 -6.61 25.65
C ARG B 239 -1.63 -7.27 27.03
N ALA B 240 -1.58 -6.42 28.06
CA ALA B 240 -1.66 -6.91 29.42
C ALA B 240 -3.09 -7.24 29.81
N ASN B 241 -3.23 -8.25 30.65
CA ASN B 241 -4.44 -8.58 31.36
C ASN B 241 -4.39 -7.98 32.77
N ASP B 242 -5.32 -8.37 33.65
CA ASP B 242 -5.32 -7.81 35.00
C ASP B 242 -4.10 -8.25 35.80
N GLN B 243 -3.58 -9.45 35.53
CA GLN B 243 -2.40 -9.92 36.24
C GLN B 243 -1.09 -9.42 35.64
N GLY B 244 -1.13 -8.68 34.54
CA GLY B 244 0.08 -8.16 33.95
C GLY B 244 0.74 -9.02 32.89
N ALA B 245 0.12 -10.13 32.52
CA ALA B 245 0.62 -10.98 31.45
C ALA B 245 0.19 -10.46 30.08
N LEU B 246 1.00 -10.77 29.07
CA LEU B 246 0.77 -10.37 27.69
C LEU B 246 -0.07 -11.40 26.94
N GLU B 247 -0.88 -10.92 25.99
CA GLU B 247 -1.84 -11.79 25.30
C GLU B 247 -2.32 -11.12 24.04
N ARG B 248 -2.75 -11.94 23.10
CA ARG B 248 -3.36 -11.45 21.87
C ARG B 248 -4.87 -11.53 22.04
N ARG B 249 -5.51 -10.37 22.07
CA ARG B 249 -6.95 -10.32 22.26
C ARG B 249 -7.50 -9.25 21.32
N PHE B 250 -8.80 -9.18 21.28
CA PHE B 250 -9.44 -8.23 20.38
C PHE B 250 -9.36 -6.83 20.98
N PRO B 251 -9.41 -5.80 20.15
CA PRO B 251 -9.54 -4.44 20.67
C PRO B 251 -10.91 -4.18 21.28
N SER B 252 -10.99 -3.13 22.08
CA SER B 252 -12.25 -2.76 22.72
C SER B 252 -13.08 -1.84 21.83
N VAL B 253 -14.30 -1.57 22.26
CA VAL B 253 -15.07 -0.58 21.52
C VAL B 253 -14.52 0.81 21.80
N GLY B 254 -13.95 1.01 22.99
CA GLY B 254 -13.35 2.30 23.31
C GLY B 254 -12.14 2.64 22.46
N ASP B 255 -11.35 1.64 22.06
CA ASP B 255 -10.26 1.86 21.13
C ASP B 255 -10.74 2.49 19.83
N VAL B 256 -11.88 2.02 19.30
CA VAL B 256 -12.42 2.60 18.08
C VAL B 256 -12.78 4.06 18.31
N ALA B 257 -13.36 4.35 19.49
CA ALA B 257 -13.85 5.70 19.79
C ALA B 257 -12.70 6.68 20.03
N ASP B 258 -11.57 6.21 20.54
CA ASP B 258 -10.36 7.03 20.60
C ASP B 258 -9.95 7.52 19.21
N ALA B 259 -9.83 6.58 18.27
CA ALA B 259 -9.51 6.95 16.91
C ALA B 259 -10.57 7.89 16.34
N ALA B 260 -11.83 7.69 16.73
CA ALA B 260 -12.90 8.58 16.27
C ALA B 260 -12.70 10.00 16.79
N VAL B 261 -12.47 10.15 18.10
CA VAL B 261 -12.36 11.50 18.67
C VAL B 261 -11.23 12.26 18.01
N PHE B 262 -10.05 11.62 17.91
CA PHE B 262 -8.89 12.20 17.24
C PHE B 262 -9.22 12.72 15.85
N LEU B 263 -9.91 11.89 15.06
CA LEU B 263 -10.27 12.24 13.69
C LEU B 263 -11.42 13.21 13.60
N ALA B 264 -12.14 13.48 14.69
CA ALA B 264 -13.20 14.49 14.71
C ALA B 264 -12.73 15.84 15.26
N SER B 265 -11.75 15.80 16.16
CA SER B 265 -11.25 17.01 16.80
C SER B 265 -10.25 17.71 15.88
N ALA B 266 -9.91 18.94 16.27
CA ALA B 266 -8.98 19.76 15.49
C ALA B 266 -7.51 19.35 15.70
N GLU B 267 -7.28 18.24 16.40
CA GLU B 267 -5.96 17.64 16.49
C GLU B 267 -5.62 16.82 15.25
N SER B 268 -6.60 16.61 14.36
CA SER B 268 -6.38 16.01 13.05
C SER B 268 -6.75 16.98 11.94
N ALA B 269 -6.52 18.27 12.15
CA ALA B 269 -6.96 19.26 11.18
C ALA B 269 -6.17 19.21 9.87
N ALA B 270 -4.97 18.61 9.84
CA ALA B 270 -4.15 18.59 8.63
C ALA B 270 -4.22 17.26 7.86
N LEU B 271 -5.18 16.39 8.17
CA LEU B 271 -5.23 15.03 7.65
C LEU B 271 -6.43 14.84 6.72
N SER B 272 -6.23 14.21 5.56
CA SER B 272 -7.33 13.85 4.68
C SER B 272 -6.94 12.71 3.74
N GLY B 273 -7.72 11.63 3.77
CA GLY B 273 -7.39 10.42 3.06
C GLY B 273 -6.57 9.44 3.85
N GLU B 274 -6.41 9.67 5.15
CA GLU B 274 -5.67 8.74 5.98
C GLU B 274 -6.57 7.57 6.42
N THR B 275 -5.94 6.48 6.86
CA THR B 275 -6.62 5.35 7.48
C THR B 275 -5.86 4.95 8.74
N ILE B 276 -6.60 4.47 9.75
CA ILE B 276 -6.08 4.04 11.05
C ILE B 276 -6.69 2.68 11.32
N GLU B 277 -5.84 1.66 11.49
CA GLU B 277 -6.32 0.29 11.65
C GLU B 277 -6.29 -0.04 13.14
N VAL B 278 -7.46 -0.15 13.75
CA VAL B 278 -7.51 -0.44 15.18
C VAL B 278 -7.58 -1.96 15.29
N THR B 279 -6.41 -2.59 15.15
CA THR B 279 -6.37 -4.04 14.98
C THR B 279 -5.36 -4.71 15.91
N HIS B 280 -4.70 -3.95 16.78
CA HIS B 280 -3.51 -4.42 17.49
C HIS B 280 -2.42 -4.83 16.51
N GLY B 281 -2.33 -4.10 15.39
CA GLY B 281 -1.34 -4.38 14.36
C GLY B 281 -1.49 -5.73 13.68
N MET B 282 -2.72 -6.10 13.30
CA MET B 282 -2.90 -7.26 12.42
C MET B 282 -2.17 -6.99 11.13
N GLU B 283 -1.36 -7.93 10.72
CA GLU B 283 -0.48 -7.77 9.57
C GLU B 283 -1.12 -8.55 8.42
N LEU B 284 -1.65 -7.83 7.42
CA LEU B 284 -2.28 -8.48 6.27
C LEU B 284 -1.82 -7.81 4.99
N PRO B 285 -1.58 -8.58 3.91
CA PRO B 285 -0.99 -8.02 2.68
C PRO B 285 -1.87 -6.97 2.00
N ALA B 286 -1.25 -5.85 1.62
CA ALA B 286 -1.96 -4.68 1.12
C ALA B 286 -2.10 -4.63 -0.41
N CYS B 287 -1.01 -4.87 -1.16
CA CYS B 287 -1.03 -4.75 -2.61
C CYS B 287 -1.02 -6.15 -3.24
N SER B 288 -2.04 -6.42 -4.07
CA SER B 288 -2.17 -7.62 -4.91
C SER B 288 -2.21 -7.23 -6.40
N GLU B 289 -1.27 -6.42 -6.86
CA GLU B 289 -1.27 -5.91 -8.23
C GLU B 289 0.04 -6.20 -8.95
N THR B 290 -0.04 -6.14 -10.28
CA THR B 290 1.09 -6.26 -11.19
C THR B 290 0.71 -5.65 -12.54
N SER B 291 1.71 -5.25 -13.32
CA SER B 291 1.48 -4.77 -14.68
C SER B 291 1.56 -5.93 -15.65
N LEU B 292 0.65 -5.94 -16.61
CA LEU B 292 0.81 -6.80 -17.78
C LEU B 292 1.81 -6.11 -18.70
N LEU B 293 3.05 -6.56 -18.67
CA LEU B 293 4.10 -5.92 -19.45
C LEU B 293 4.57 -6.73 -20.64
N ALA B 294 4.28 -8.04 -20.66
CA ALA B 294 4.82 -8.96 -21.65
C ALA B 294 3.94 -9.06 -22.90
N ARG B 295 4.54 -9.57 -23.96
CA ARG B 295 3.77 -9.92 -25.14
C ARG B 295 2.94 -11.16 -24.86
N THR B 296 1.72 -11.16 -25.37
CA THR B 296 0.89 -12.34 -25.38
C THR B 296 1.37 -13.30 -26.46
N ASP B 297 1.10 -14.59 -26.28
CA ASP B 297 1.43 -15.57 -27.31
C ASP B 297 0.31 -16.59 -27.42
N LEU B 298 -0.65 -16.31 -28.31
CA LEU B 298 -1.79 -17.22 -28.50
C LEU B 298 -1.29 -18.45 -29.27
N ARG B 299 -0.66 -19.33 -28.50
CA ARG B 299 -0.47 -20.73 -28.79
C ARG B 299 -1.23 -21.46 -27.69
N THR B 300 -2.49 -21.06 -27.48
CA THR B 300 -3.39 -21.79 -26.59
C THR B 300 -4.61 -22.28 -27.36
N ILE B 301 -4.40 -22.92 -28.52
CA ILE B 301 -5.50 -23.51 -29.32
C ILE B 301 -6.07 -24.66 -28.48
N ASP B 302 -5.57 -24.79 -27.25
CA ASP B 302 -6.23 -25.53 -26.19
C ASP B 302 -7.66 -25.03 -25.93
N ALA B 303 -8.03 -23.83 -26.42
CA ALA B 303 -9.44 -23.41 -26.27
C ALA B 303 -10.41 -24.17 -27.19
N SER B 304 -9.94 -25.19 -27.89
CA SER B 304 -10.81 -26.03 -28.69
C SER B 304 -11.85 -26.74 -27.83
N GLY B 305 -13.11 -26.65 -28.23
CA GLY B 305 -14.22 -27.29 -27.56
C GLY B 305 -14.78 -26.47 -26.42
N ARG B 306 -13.93 -25.75 -25.71
CA ARG B 306 -14.38 -24.85 -24.66
C ARG B 306 -15.14 -23.67 -25.24
N THR B 307 -16.13 -23.18 -24.49
CA THR B 307 -16.98 -22.09 -24.92
C THR B 307 -17.07 -21.01 -23.84
N THR B 308 -16.84 -19.76 -24.27
CA THR B 308 -16.63 -18.64 -23.37
C THR B 308 -17.79 -17.67 -23.48
N LEU B 309 -18.32 -17.25 -22.33
CA LEU B 309 -19.39 -16.27 -22.25
C LEU B 309 -18.82 -14.87 -22.11
N ILE B 310 -19.39 -13.93 -22.87
CA ILE B 310 -19.06 -12.52 -22.78
C ILE B 310 -20.30 -11.81 -22.23
N CYS B 311 -20.20 -11.29 -21.00
CA CYS B 311 -21.27 -10.52 -20.36
C CYS B 311 -20.94 -9.07 -20.62
N ALA B 312 -21.78 -8.37 -21.39
CA ALA B 312 -21.36 -7.06 -21.84
C ALA B 312 -22.58 -6.19 -22.06
N GLY B 313 -22.40 -5.13 -22.82
CA GLY B 313 -23.49 -4.29 -23.25
C GLY B 313 -23.03 -2.86 -23.38
N ASP B 314 -23.21 -2.29 -24.57
CA ASP B 314 -22.87 -0.92 -24.96
C ASP B 314 -21.39 -0.75 -25.27
N GLN B 315 -20.56 -1.78 -25.09
CA GLN B 315 -19.13 -1.65 -25.43
C GLN B 315 -18.91 -2.61 -26.57
N ILE B 316 -19.29 -2.20 -27.77
CA ILE B 316 -19.28 -3.18 -28.86
C ILE B 316 -17.90 -3.32 -29.49
N GLU B 317 -17.04 -2.29 -29.39
CA GLU B 317 -15.67 -2.45 -29.87
C GLU B 317 -14.92 -3.49 -29.06
N GLU B 318 -15.18 -3.55 -27.76
CA GLU B 318 -14.56 -4.60 -26.95
C GLU B 318 -15.09 -5.98 -27.33
N VAL B 319 -16.40 -6.08 -27.58
CA VAL B 319 -17.00 -7.37 -27.91
C VAL B 319 -16.43 -7.92 -29.22
N MET B 320 -16.21 -7.04 -30.19
CA MET B 320 -15.68 -7.49 -31.47
C MET B 320 -14.29 -8.08 -31.30
N ALA B 321 -13.37 -7.32 -30.69
CA ALA B 321 -12.04 -7.88 -30.46
C ALA B 321 -12.09 -9.13 -29.60
N LEU B 322 -12.93 -9.14 -28.56
CA LEU B 322 -12.94 -10.29 -27.65
C LEU B 322 -13.34 -11.57 -28.38
N THR B 323 -14.43 -11.53 -29.14
CA THR B 323 -14.77 -12.71 -29.92
C THR B 323 -13.68 -13.04 -30.94
N GLY B 324 -13.07 -12.02 -31.55
CA GLY B 324 -11.99 -12.27 -32.48
C GLY B 324 -10.83 -13.02 -31.87
N MET B 325 -10.37 -12.56 -30.71
CA MET B 325 -9.31 -13.28 -30.01
C MET B 325 -9.73 -14.71 -29.68
N LEU B 326 -10.90 -14.86 -29.05
CA LEU B 326 -11.34 -16.18 -28.57
C LEU B 326 -11.56 -17.17 -29.69
N ARG B 327 -11.98 -16.69 -30.87
CA ARG B 327 -12.15 -17.59 -32.01
C ARG B 327 -10.80 -18.07 -32.56
N THR B 328 -9.79 -17.20 -32.56
CA THR B 328 -8.48 -17.64 -33.02
C THR B 328 -7.88 -18.68 -32.07
N CYS B 329 -8.27 -18.65 -30.79
CA CYS B 329 -7.91 -19.70 -29.84
C CYS B 329 -8.68 -20.99 -30.03
N GLY B 330 -9.77 -20.97 -30.80
CA GLY B 330 -10.59 -22.15 -30.96
C GLY B 330 -11.78 -22.23 -30.03
N SER B 331 -11.97 -21.22 -29.18
CA SER B 331 -13.08 -21.19 -28.25
C SER B 331 -14.36 -20.80 -28.97
N GLU B 332 -15.47 -21.41 -28.56
CA GLU B 332 -16.77 -20.91 -28.97
C GLU B 332 -17.16 -19.74 -28.07
N VAL B 333 -17.93 -18.80 -28.63
CA VAL B 333 -18.33 -17.62 -27.88
C VAL B 333 -19.85 -17.55 -27.86
N ILE B 334 -20.40 -17.37 -26.66
CA ILE B 334 -21.76 -16.88 -26.42
C ILE B 334 -21.61 -15.48 -25.85
N ILE B 335 -22.44 -14.54 -26.32
CA ILE B 335 -22.38 -13.16 -25.88
C ILE B 335 -23.74 -12.74 -25.34
N GLY B 336 -23.75 -12.19 -24.14
CA GLY B 336 -24.98 -11.73 -23.55
C GLY B 336 -25.02 -10.25 -23.24
N PHE B 337 -25.85 -9.50 -23.95
CA PHE B 337 -25.98 -8.08 -23.71
C PHE B 337 -26.91 -7.83 -22.52
N ARG B 338 -26.48 -6.94 -21.61
CA ARG B 338 -27.21 -6.73 -20.36
C ARG B 338 -28.43 -5.83 -20.50
N SER B 339 -28.41 -4.87 -21.42
CA SER B 339 -29.59 -4.06 -21.74
C SER B 339 -30.07 -4.39 -23.16
N ALA B 340 -31.39 -4.53 -23.32
CA ALA B 340 -31.99 -4.80 -24.64
C ALA B 340 -31.60 -3.76 -25.68
N ALA B 341 -31.19 -2.56 -25.25
CA ALA B 341 -30.69 -1.56 -26.18
C ALA B 341 -29.40 -2.02 -26.83
N ALA B 342 -28.50 -2.61 -26.04
CA ALA B 342 -27.17 -2.96 -26.53
C ALA B 342 -27.22 -4.00 -27.65
N LEU B 343 -28.16 -4.94 -27.57
CA LEU B 343 -28.41 -5.86 -28.68
C LEU B 343 -28.69 -5.10 -29.97
N ALA B 344 -29.40 -3.97 -29.86
CA ALA B 344 -29.87 -3.28 -31.05
C ALA B 344 -28.70 -2.80 -31.91
N GLN B 345 -27.88 -1.89 -31.39
CA GLN B 345 -26.82 -1.33 -32.22
C GLN B 345 -25.72 -2.35 -32.49
N PHE B 346 -25.65 -3.44 -31.72
CA PHE B 346 -24.77 -4.55 -32.09
C PHE B 346 -25.23 -5.21 -33.38
N GLU B 347 -26.53 -5.56 -33.47
CA GLU B 347 -27.05 -6.06 -34.73
C GLU B 347 -26.81 -5.07 -35.85
N GLN B 348 -26.79 -3.78 -35.53
CA GLN B 348 -26.45 -2.78 -36.53
C GLN B 348 -24.97 -2.87 -36.91
N ALA B 349 -24.08 -3.11 -35.93
CA ALA B 349 -22.66 -3.21 -36.23
C ALA B 349 -22.38 -4.39 -37.16
N VAL B 350 -23.05 -5.51 -36.93
CA VAL B 350 -22.92 -6.65 -37.83
C VAL B 350 -23.50 -6.31 -39.19
N ASN B 351 -24.51 -5.44 -39.25
CA ASN B 351 -24.97 -4.97 -40.54
C ASN B 351 -23.86 -4.22 -41.27
N GLU B 352 -23.04 -3.47 -40.53
CA GLU B 352 -21.84 -2.87 -41.13
C GLU B 352 -20.88 -3.96 -41.61
N SER B 353 -20.81 -5.08 -40.88
CA SER B 353 -19.95 -6.18 -41.26
C SER B 353 -20.44 -6.82 -42.56
N ARG B 354 -21.77 -6.95 -42.72
CA ARG B 354 -22.31 -7.56 -43.94
C ARG B 354 -21.98 -6.69 -45.17
N ARG B 355 -21.88 -5.37 -44.98
CA ARG B 355 -21.28 -4.51 -45.98
C ARG B 355 -19.76 -4.69 -45.88
N LEU B 356 -19.09 -4.78 -47.05
CA LEU B 356 -17.67 -5.07 -47.14
C LEU B 356 -17.38 -6.52 -46.69
N ALA B 357 -18.16 -7.46 -47.24
CA ALA B 357 -18.12 -8.87 -46.81
C ALA B 357 -17.47 -9.78 -47.83
N PHE B 361 -18.03 -16.26 -43.40
CA PHE B 361 -18.15 -15.08 -42.55
C PHE B 361 -19.47 -15.10 -41.74
N THR B 362 -19.37 -15.20 -40.40
CA THR B 362 -20.52 -15.32 -39.42
C THR B 362 -20.34 -14.66 -38.07
N PRO B 363 -21.29 -13.82 -37.62
CA PRO B 363 -21.20 -13.20 -36.26
C PRO B 363 -21.73 -14.13 -35.19
N PRO B 364 -21.35 -13.96 -33.91
CA PRO B 364 -21.76 -14.91 -32.88
C PRO B 364 -23.22 -14.80 -32.46
N ILE B 365 -23.64 -15.66 -31.52
CA ILE B 365 -24.98 -15.60 -30.93
C ILE B 365 -25.03 -14.60 -29.79
N ALA B 366 -26.09 -13.79 -29.79
CA ALA B 366 -26.38 -12.80 -28.75
C ALA B 366 -27.71 -13.14 -28.09
N LEU B 367 -27.70 -13.21 -26.75
CA LEU B 367 -28.84 -13.54 -25.92
C LEU B 367 -28.99 -12.46 -24.87
N PRO B 368 -30.19 -12.23 -24.33
CA PRO B 368 -30.31 -11.35 -23.16
C PRO B 368 -29.58 -11.91 -21.94
N LEU B 369 -28.94 -11.03 -21.18
CA LEU B 369 -28.25 -11.42 -19.95
C LEU B 369 -28.37 -10.25 -18.97
N ASP B 370 -29.41 -10.27 -18.15
CA ASP B 370 -29.79 -9.12 -17.33
C ASP B 370 -29.67 -9.43 -15.84
N PRO B 371 -28.81 -8.75 -15.10
CA PRO B 371 -28.72 -9.03 -13.65
C PRO B 371 -29.99 -8.69 -12.88
N ARG B 372 -30.80 -7.74 -13.37
CA ARG B 372 -32.06 -7.44 -12.71
C ARG B 372 -33.02 -8.61 -12.74
N ASP B 373 -32.98 -9.40 -13.81
CA ASP B 373 -33.91 -10.50 -14.05
C ASP B 373 -33.12 -11.80 -14.06
N PRO B 374 -32.72 -12.31 -12.89
CA PRO B 374 -31.80 -13.47 -12.85
C PRO B 374 -32.30 -14.70 -13.58
N ALA B 375 -33.54 -14.72 -14.06
CA ALA B 375 -34.00 -15.83 -14.89
C ALA B 375 -33.20 -15.91 -16.18
N THR B 376 -32.99 -14.78 -16.85
CA THR B 376 -32.28 -14.83 -18.14
C THR B 376 -30.84 -15.30 -18.00
N ILE B 377 -30.23 -15.17 -16.82
CA ILE B 377 -28.93 -15.79 -16.60
C ILE B 377 -29.08 -17.31 -16.61
N ASP B 378 -30.02 -17.83 -15.81
CA ASP B 378 -30.28 -19.27 -15.81
C ASP B 378 -30.77 -19.75 -17.17
N ALA B 379 -31.43 -18.88 -17.94
CA ALA B 379 -31.85 -19.23 -19.29
C ALA B 379 -30.65 -19.44 -20.20
N VAL B 380 -29.66 -18.55 -20.09
CA VAL B 380 -28.47 -18.66 -20.94
C VAL B 380 -27.75 -19.97 -20.67
N PHE B 381 -27.65 -20.37 -19.40
CA PHE B 381 -26.97 -21.62 -19.08
C PHE B 381 -27.64 -22.80 -19.77
N ASP B 382 -28.98 -22.84 -19.75
CA ASP B 382 -29.71 -23.97 -20.33
C ASP B 382 -29.51 -24.09 -21.84
N TRP B 383 -29.55 -22.96 -22.55
CA TRP B 383 -29.26 -22.95 -23.98
C TRP B 383 -27.84 -23.43 -24.26
N ALA B 384 -26.88 -22.98 -23.45
CA ALA B 384 -25.49 -23.34 -23.66
C ALA B 384 -25.27 -24.84 -23.56
N GLY B 385 -26.01 -25.51 -22.67
CA GLY B 385 -25.88 -26.94 -22.55
C GLY B 385 -26.46 -27.69 -23.75
N GLU B 386 -27.52 -27.15 -24.36
CA GLU B 386 -28.13 -27.81 -25.51
C GLU B 386 -27.40 -27.54 -26.81
N ASN B 387 -26.66 -26.44 -26.91
CA ASN B 387 -26.13 -26.01 -28.20
C ASN B 387 -24.60 -25.98 -28.21
N THR B 388 -23.98 -25.19 -27.34
CA THR B 388 -22.52 -25.03 -27.31
C THR B 388 -21.81 -25.97 -26.33
N GLY B 389 -22.51 -26.96 -25.79
CA GLY B 389 -21.82 -27.91 -24.95
C GLY B 389 -21.38 -27.41 -23.59
N GLY B 390 -21.84 -26.25 -23.15
CA GLY B 390 -21.56 -25.78 -21.82
C GLY B 390 -21.19 -24.31 -21.81
N ILE B 391 -20.71 -23.87 -20.66
CA ILE B 391 -19.97 -22.62 -20.49
C ILE B 391 -18.70 -22.99 -19.76
N HIS B 392 -17.56 -22.53 -20.27
CA HIS B 392 -16.28 -22.92 -19.70
C HIS B 392 -15.48 -21.76 -19.13
N ALA B 393 -15.74 -20.54 -19.58
CA ALA B 393 -15.08 -19.34 -19.13
C ALA B 393 -16.03 -18.17 -19.36
N ALA B 394 -15.81 -17.07 -18.62
CA ALA B 394 -16.63 -15.88 -18.80
C ALA B 394 -15.75 -14.64 -18.77
N VAL B 395 -16.14 -13.63 -19.55
CA VAL B 395 -15.57 -12.29 -19.47
C VAL B 395 -16.69 -11.34 -19.15
N ILE B 396 -16.54 -10.54 -18.09
CA ILE B 396 -17.60 -9.71 -17.55
C ILE B 396 -17.18 -8.25 -17.66
N LEU B 397 -18.01 -7.43 -18.29
CA LEU B 397 -17.74 -6.02 -18.51
C LEU B 397 -18.66 -5.12 -17.68
N PRO B 398 -18.27 -3.86 -17.47
CA PRO B 398 -19.18 -2.91 -16.83
C PRO B 398 -20.48 -2.78 -17.61
N ALA B 399 -21.58 -2.56 -16.88
CA ALA B 399 -22.90 -2.44 -17.52
C ALA B 399 -22.93 -1.31 -18.53
N THR B 400 -22.05 -0.32 -18.40
CA THR B 400 -22.04 0.82 -19.31
C THR B 400 -20.62 1.10 -19.78
N SER B 401 -20.54 1.65 -20.98
CA SER B 401 -19.24 2.00 -21.58
C SER B 401 -18.54 3.13 -20.82
N HIS B 402 -19.25 4.23 -20.57
CA HIS B 402 -18.72 5.41 -19.90
C HIS B 402 -19.37 5.66 -18.54
N GLU B 403 -18.60 6.30 -17.67
CA GLU B 403 -19.05 6.65 -16.33
C GLU B 403 -20.18 7.69 -16.37
N PRO B 404 -21.15 7.60 -15.45
CA PRO B 404 -22.31 8.50 -15.52
C PRO B 404 -21.99 9.96 -15.28
N ALA B 405 -20.98 10.27 -14.47
CA ALA B 405 -20.68 11.64 -14.09
C ALA B 405 -19.21 11.77 -13.73
N PRO B 406 -18.66 12.99 -13.78
CA PRO B 406 -17.26 13.19 -13.36
C PRO B 406 -17.06 13.28 -11.87
N CYS B 407 -18.10 13.49 -11.07
CA CYS B 407 -17.95 13.75 -9.65
C CYS B 407 -18.53 12.60 -8.83
N VAL B 408 -18.04 12.47 -7.61
CA VAL B 408 -18.55 11.48 -6.67
C VAL B 408 -19.47 12.16 -5.65
N ILE B 409 -19.21 13.42 -5.36
CA ILE B 409 -20.00 14.20 -4.42
C ILE B 409 -21.03 15.05 -5.14
N GLU B 410 -20.60 15.79 -6.17
CA GLU B 410 -21.48 16.73 -6.86
C GLU B 410 -22.21 16.01 -8.00
N VAL B 411 -23.19 15.19 -7.63
CA VAL B 411 -23.93 14.36 -8.59
C VAL B 411 -25.38 14.20 -8.15
N ASP B 412 -26.27 14.09 -9.14
CA ASP B 412 -27.69 13.94 -8.89
C ASP B 412 -28.00 12.59 -8.26
N ASP B 413 -29.25 12.43 -7.83
CA ASP B 413 -29.66 11.25 -7.09
C ASP B 413 -29.85 10.04 -8.00
N GLU B 414 -30.42 10.24 -9.20
CA GLU B 414 -30.78 9.10 -10.04
C GLU B 414 -29.55 8.33 -10.49
N ARG B 415 -28.51 9.03 -10.96
CA ARG B 415 -27.31 8.33 -11.41
C ARG B 415 -26.74 7.44 -10.33
N VAL B 416 -26.64 7.95 -9.09
CA VAL B 416 -25.97 7.20 -8.04
C VAL B 416 -26.73 5.92 -7.73
N LEU B 417 -28.06 5.98 -7.79
CA LEU B 417 -28.85 4.78 -7.59
C LEU B 417 -28.64 3.77 -8.73
N ASN B 418 -28.43 4.26 -9.96
CA ASN B 418 -28.18 3.38 -11.12
C ASN B 418 -26.81 2.72 -11.02
N PHE B 419 -25.79 3.47 -10.64
CA PHE B 419 -24.47 2.87 -10.47
C PHE B 419 -24.50 1.76 -9.42
N LEU B 420 -25.27 1.95 -8.35
CA LEU B 420 -25.37 0.89 -7.34
C LEU B 420 -26.06 -0.36 -7.87
N ALA B 421 -27.23 -0.19 -8.50
CA ALA B 421 -27.98 -1.33 -9.02
C ALA B 421 -27.24 -2.00 -10.17
N ASP B 422 -26.65 -1.22 -11.07
CA ASP B 422 -26.09 -1.81 -12.27
C ASP B 422 -24.69 -2.34 -12.00
N GLU B 423 -23.77 -1.46 -11.58
CA GLU B 423 -22.36 -1.80 -11.59
C GLU B 423 -21.92 -2.62 -10.37
N ILE B 424 -22.64 -2.56 -9.25
CA ILE B 424 -22.19 -3.21 -8.02
C ILE B 424 -23.02 -4.45 -7.67
N THR B 425 -24.31 -4.25 -7.38
CA THR B 425 -25.13 -5.42 -7.14
C THR B 425 -25.20 -6.30 -8.40
N GLY B 426 -25.37 -5.67 -9.57
CA GLY B 426 -25.55 -6.46 -10.78
C GLY B 426 -24.33 -7.28 -11.17
N THR B 427 -23.13 -6.81 -10.83
CA THR B 427 -21.93 -7.59 -11.07
C THR B 427 -21.82 -8.75 -10.09
N ILE B 428 -22.22 -8.55 -8.84
CA ILE B 428 -22.20 -9.66 -7.89
C ILE B 428 -23.17 -10.75 -8.32
N VAL B 429 -24.31 -10.34 -8.88
CA VAL B 429 -25.34 -11.29 -9.30
C VAL B 429 -24.78 -12.24 -10.36
N ILE B 430 -24.14 -11.69 -11.40
CA ILE B 430 -23.59 -12.53 -12.47
C ILE B 430 -22.62 -13.56 -11.89
N ALA B 431 -21.72 -13.11 -11.00
CA ALA B 431 -20.77 -14.02 -10.35
C ALA B 431 -21.46 -15.09 -9.51
N SER B 432 -22.56 -14.74 -8.82
CA SER B 432 -23.18 -15.72 -7.92
C SER B 432 -23.88 -16.81 -8.70
N ARG B 433 -24.42 -16.47 -9.87
CA ARG B 433 -24.97 -17.48 -10.75
C ARG B 433 -23.86 -18.32 -11.40
N LEU B 434 -22.74 -17.68 -11.76
CA LEU B 434 -21.60 -18.43 -12.29
C LEU B 434 -21.09 -19.45 -11.29
N ALA B 435 -20.91 -19.04 -10.04
CA ALA B 435 -20.34 -19.92 -9.03
C ALA B 435 -21.23 -21.13 -8.77
N ARG B 436 -22.55 -20.93 -8.78
CA ARG B 436 -23.48 -22.02 -8.51
C ARG B 436 -23.60 -22.94 -9.71
N TYR B 437 -23.55 -22.36 -10.90
CA TYR B 437 -23.49 -23.14 -12.14
C TYR B 437 -22.34 -24.14 -12.10
N TRP B 438 -21.11 -23.65 -11.98
CA TRP B 438 -19.93 -24.50 -12.02
C TRP B 438 -19.88 -25.50 -10.87
N GLN B 439 -20.47 -25.16 -9.72
CA GLN B 439 -20.42 -26.05 -8.57
C GLN B 439 -21.67 -26.92 -8.40
N SER B 440 -22.75 -26.66 -9.14
CA SER B 440 -23.83 -27.64 -9.22
C SER B 440 -23.49 -28.78 -10.18
N GLN B 441 -22.54 -28.54 -11.08
CA GLN B 441 -22.09 -29.49 -12.08
C GLN B 441 -20.89 -30.28 -11.59
N ARG B 442 -20.05 -29.66 -10.76
CA ARG B 442 -18.85 -30.32 -10.30
C ARG B 442 -19.17 -31.66 -9.65
N LEU B 443 -20.37 -31.80 -9.09
CA LEU B 443 -20.75 -33.07 -8.52
C LEU B 443 -21.13 -34.10 -9.58
N THR B 444 -21.11 -33.74 -10.88
CA THR B 444 -21.44 -34.65 -11.99
C THR B 444 -20.32 -35.54 -12.59
N PRO B 445 -19.14 -35.01 -12.93
CA PRO B 445 -18.30 -35.68 -13.93
C PRO B 445 -17.79 -37.06 -13.51
N GLY B 446 -17.62 -37.93 -14.50
CA GLY B 446 -17.18 -39.29 -14.27
C GLY B 446 -15.74 -39.60 -14.63
N ALA B 447 -15.24 -39.07 -15.77
CA ALA B 447 -13.91 -39.42 -16.28
C ALA B 447 -12.84 -38.36 -16.01
N ARG B 448 -12.99 -37.16 -16.56
CA ARG B 448 -12.00 -36.09 -16.32
C ARG B 448 -12.49 -34.80 -16.97
N ALA B 449 -12.23 -33.67 -16.30
CA ALA B 449 -12.80 -32.37 -16.61
C ALA B 449 -11.72 -31.30 -16.72
N ARG B 450 -12.10 -30.12 -17.22
CA ARG B 450 -11.14 -29.14 -17.73
C ARG B 450 -10.77 -28.05 -16.73
N GLY B 451 -11.72 -27.23 -16.27
CA GLY B 451 -11.41 -26.18 -15.33
C GLY B 451 -11.91 -24.78 -15.72
N PRO B 452 -12.64 -24.14 -14.79
CA PRO B 452 -13.26 -22.84 -15.05
C PRO B 452 -12.44 -21.61 -14.66
N ARG B 453 -12.61 -20.54 -15.46
CA ARG B 453 -11.81 -19.31 -15.32
C ARG B 453 -12.69 -18.09 -15.59
N VAL B 454 -12.41 -16.99 -14.85
CA VAL B 454 -13.17 -15.73 -14.97
C VAL B 454 -12.21 -14.54 -15.03
N ILE B 455 -12.54 -13.56 -15.90
CA ILE B 455 -11.84 -12.28 -16.00
C ILE B 455 -12.89 -11.18 -16.00
N PHE B 456 -12.66 -10.13 -15.19
CA PHE B 456 -13.48 -8.92 -15.26
C PHE B 456 -12.63 -7.86 -15.97
N LEU B 457 -13.13 -7.36 -17.09
CA LEU B 457 -12.36 -6.49 -17.97
C LEU B 457 -12.99 -5.11 -18.00
N SER B 458 -12.26 -4.10 -17.51
CA SER B 458 -12.80 -2.77 -17.34
C SER B 458 -12.78 -1.97 -18.64
N ASN B 459 -13.47 -0.83 -18.62
CA ASN B 459 -13.44 0.10 -19.71
C ASN B 459 -12.11 0.85 -19.74
N GLY B 460 -11.81 1.45 -20.88
CA GLY B 460 -10.57 2.18 -21.06
C GLY B 460 -10.55 3.49 -20.31
N ALA B 461 -9.40 4.16 -20.39
CA ALA B 461 -9.17 5.37 -19.62
C ALA B 461 -10.16 6.47 -19.98
N ASP B 462 -10.53 7.26 -18.97
CA ASP B 462 -11.54 8.29 -19.10
C ASP B 462 -11.01 9.59 -18.51
N GLN B 463 -11.52 10.71 -19.03
CA GLN B 463 -11.14 12.02 -18.51
C GLN B 463 -11.58 12.22 -17.07
N ASN B 464 -12.62 11.50 -16.63
CA ASN B 464 -13.04 11.57 -15.23
C ASN B 464 -11.95 11.10 -14.29
N GLY B 465 -10.88 10.52 -14.83
CA GLY B 465 -9.97 9.73 -14.04
C GLY B 465 -10.53 8.37 -13.68
N ASN B 466 -11.66 7.99 -14.28
CA ASN B 466 -12.26 6.68 -14.09
C ASN B 466 -12.63 6.50 -12.62
N VAL B 467 -13.31 7.51 -12.08
CA VAL B 467 -13.62 7.50 -10.66
C VAL B 467 -14.68 6.44 -10.33
N TYR B 468 -15.76 6.40 -11.10
CA TYR B 468 -16.76 5.36 -10.89
C TYR B 468 -16.21 3.97 -11.19
N GLY B 469 -15.39 3.85 -12.25
CA GLY B 469 -14.78 2.57 -12.54
C GLY B 469 -13.90 2.07 -11.41
N ARG B 470 -13.19 2.99 -10.73
CA ARG B 470 -12.27 2.59 -9.67
C ARG B 470 -13.00 2.11 -8.43
N ILE B 471 -14.17 2.69 -8.15
CA ILE B 471 -15.03 2.20 -7.07
C ILE B 471 -15.50 0.78 -7.39
N GLN B 472 -15.99 0.59 -8.62
CA GLN B 472 -16.38 -0.73 -9.09
C GLN B 472 -15.22 -1.72 -9.01
N SER B 473 -14.02 -1.28 -9.43
CA SER B 473 -12.84 -2.12 -9.35
C SER B 473 -12.54 -2.64 -7.95
N ALA B 474 -12.67 -1.77 -6.92
CA ALA B 474 -12.39 -2.17 -5.54
C ALA B 474 -13.36 -3.25 -5.06
N ALA B 475 -14.62 -3.15 -5.49
CA ALA B 475 -15.59 -4.21 -5.27
C ALA B 475 -15.17 -5.52 -5.94
N ILE B 476 -14.83 -5.47 -7.24
CA ILE B 476 -14.45 -6.68 -7.99
C ILE B 476 -13.23 -7.35 -7.37
N GLY B 477 -12.26 -6.56 -6.92
CA GLY B 477 -11.09 -7.10 -6.26
C GLY B 477 -11.39 -7.98 -5.06
N GLN B 478 -12.11 -7.43 -4.05
CA GLN B 478 -12.42 -8.17 -2.83
C GLN B 478 -13.33 -9.35 -3.11
N LEU B 479 -14.26 -9.22 -4.06
CA LEU B 479 -15.04 -10.37 -4.50
C LEU B 479 -14.14 -11.54 -4.94
N ILE B 480 -13.17 -11.26 -5.82
CA ILE B 480 -12.22 -12.29 -6.26
C ILE B 480 -11.48 -12.89 -5.08
N ARG B 481 -10.98 -12.04 -4.18
CA ARG B 481 -10.26 -12.57 -3.02
C ARG B 481 -11.09 -13.64 -2.31
N VAL B 482 -12.38 -13.39 -2.13
CA VAL B 482 -13.18 -14.37 -1.42
C VAL B 482 -13.69 -15.47 -2.36
N TRP B 483 -13.91 -15.18 -3.65
CA TRP B 483 -14.39 -16.23 -4.58
C TRP B 483 -13.34 -17.30 -4.84
N ARG B 484 -12.06 -16.90 -4.91
CA ARG B 484 -10.95 -17.87 -4.88
C ARG B 484 -10.97 -18.69 -3.59
N HIS B 485 -11.03 -18.02 -2.43
CA HIS B 485 -10.91 -18.68 -1.14
C HIS B 485 -12.04 -19.70 -0.93
N GLU B 486 -13.28 -19.29 -1.20
CA GLU B 486 -14.38 -20.24 -1.04
C GLU B 486 -14.23 -21.39 -2.02
N ALA B 487 -14.01 -21.08 -3.30
CA ALA B 487 -13.94 -22.11 -4.33
C ALA B 487 -12.92 -23.19 -3.97
N GLU B 488 -11.80 -22.77 -3.36
CA GLU B 488 -10.75 -23.69 -2.95
C GLU B 488 -11.20 -24.56 -1.76
N LEU B 489 -11.81 -23.94 -0.74
CA LEU B 489 -12.21 -24.73 0.43
C LEU B 489 -13.39 -25.64 0.11
N ASP B 490 -14.33 -25.16 -0.71
CA ASP B 490 -15.41 -26.00 -1.19
C ASP B 490 -14.87 -27.15 -2.04
N TYR B 491 -13.80 -26.89 -2.81
CA TYR B 491 -13.20 -27.95 -3.61
C TYR B 491 -12.65 -29.06 -2.72
N GLN B 492 -11.64 -28.75 -1.90
CA GLN B 492 -10.98 -29.76 -1.07
C GLN B 492 -11.97 -30.44 -0.15
N ARG B 493 -13.03 -29.75 0.24
CA ARG B 493 -14.03 -30.36 1.10
C ARG B 493 -14.88 -31.35 0.31
N ALA B 494 -15.45 -30.92 -0.82
CA ALA B 494 -16.28 -31.82 -1.61
C ALA B 494 -15.48 -33.01 -2.11
N SER B 495 -14.16 -32.86 -2.16
CA SER B 495 -13.30 -33.96 -2.52
C SER B 495 -13.18 -34.95 -1.36
N ALA B 496 -13.25 -34.47 -0.13
CA ALA B 496 -13.29 -35.37 1.01
C ALA B 496 -14.57 -36.23 0.98
N ALA B 497 -15.65 -35.72 0.41
CA ALA B 497 -16.84 -36.53 0.20
C ALA B 497 -16.62 -37.62 -0.84
N GLY B 498 -15.51 -37.57 -1.57
CA GLY B 498 -15.27 -38.54 -2.60
C GLY B 498 -16.00 -38.23 -3.88
N ASP B 499 -16.54 -37.02 -3.99
CA ASP B 499 -17.28 -36.62 -5.18
C ASP B 499 -16.29 -36.02 -6.17
N HIS B 500 -16.21 -36.62 -7.36
CA HIS B 500 -15.28 -36.17 -8.39
C HIS B 500 -15.78 -34.83 -8.92
N VAL B 501 -15.19 -33.75 -8.41
CA VAL B 501 -15.73 -32.41 -8.64
C VAL B 501 -14.87 -31.68 -9.65
N LEU B 502 -15.52 -30.75 -10.34
CA LEU B 502 -14.83 -29.89 -11.27
C LEU B 502 -13.80 -29.09 -10.48
N PRO B 503 -12.69 -28.71 -11.09
CA PRO B 503 -11.67 -27.95 -10.33
C PRO B 503 -12.19 -26.57 -9.96
N PRO B 504 -11.61 -25.95 -8.93
CA PRO B 504 -12.19 -24.69 -8.43
C PRO B 504 -11.98 -23.54 -9.40
N VAL B 505 -12.89 -22.56 -9.32
CA VAL B 505 -12.84 -21.43 -10.24
C VAL B 505 -11.63 -20.56 -9.93
N TRP B 506 -10.96 -20.09 -10.98
CA TRP B 506 -9.96 -19.06 -10.78
C TRP B 506 -10.44 -17.79 -11.47
N ALA B 507 -9.96 -16.65 -10.98
CA ALA B 507 -10.42 -15.34 -11.45
C ALA B 507 -9.33 -14.30 -11.27
N ASN B 508 -9.43 -13.26 -12.10
CA ASN B 508 -8.51 -12.12 -12.20
C ASN B 508 -9.33 -10.96 -12.74
N GLN B 509 -8.82 -9.76 -12.60
CA GLN B 509 -9.38 -8.64 -13.35
C GLN B 509 -8.27 -7.87 -14.04
N ILE B 510 -8.61 -7.32 -15.20
CA ILE B 510 -7.72 -6.52 -16.02
C ILE B 510 -8.26 -5.09 -16.04
N VAL B 511 -7.46 -4.15 -15.58
CA VAL B 511 -7.81 -2.73 -15.49
C VAL B 511 -7.11 -2.00 -16.64
N ARG B 512 -7.86 -1.19 -17.38
CA ARG B 512 -7.36 -0.47 -18.54
C ARG B 512 -7.22 1.03 -18.29
N PHE B 513 -7.14 1.46 -17.03
CA PHE B 513 -7.27 2.89 -16.74
C PHE B 513 -6.07 3.74 -17.17
N ALA B 514 -4.90 3.14 -17.41
CA ALA B 514 -3.73 3.91 -17.79
C ALA B 514 -3.44 3.86 -19.30
N ASN B 515 -4.41 3.41 -20.09
CA ASN B 515 -4.25 3.25 -21.53
C ASN B 515 -5.56 3.54 -22.25
N ARG B 516 -5.46 4.22 -23.40
CA ARG B 516 -6.61 4.56 -24.21
C ARG B 516 -6.30 4.41 -25.71
N SER B 517 -5.45 3.46 -26.09
CA SER B 517 -5.07 3.29 -27.49
C SER B 517 -5.73 2.05 -28.09
N LEU B 518 -5.84 2.08 -29.43
CA LEU B 518 -6.44 0.96 -30.15
C LEU B 518 -5.63 -0.33 -29.93
N GLU B 519 -4.31 -0.23 -30.01
CA GLU B 519 -3.46 -1.35 -29.63
C GLU B 519 -3.59 -1.69 -28.15
N GLY B 520 -3.91 -0.70 -27.31
CA GLY B 520 -4.16 -1.01 -25.91
C GLY B 520 -5.37 -1.90 -25.73
N LEU B 521 -6.42 -1.68 -26.53
CA LEU B 521 -7.57 -2.57 -26.50
C LEU B 521 -7.20 -3.98 -26.93
N GLU B 522 -6.57 -4.11 -28.12
CA GLU B 522 -6.20 -5.44 -28.61
C GLU B 522 -5.29 -6.15 -27.62
N PHE B 523 -4.38 -5.40 -27.00
CA PHE B 523 -3.48 -6.00 -26.03
C PHE B 523 -4.24 -6.60 -24.85
N ALA B 524 -5.21 -5.82 -24.32
CA ALA B 524 -5.94 -6.25 -23.12
C ALA B 524 -6.89 -7.40 -23.43
N CYS B 525 -7.55 -7.38 -24.59
CA CYS B 525 -8.43 -8.48 -24.98
C CYS B 525 -7.68 -9.78 -25.26
N ALA B 526 -6.46 -9.70 -25.79
CA ALA B 526 -5.71 -10.93 -26.06
C ALA B 526 -5.30 -11.63 -24.77
N TRP B 527 -4.86 -10.87 -23.75
CA TRP B 527 -4.57 -11.48 -22.47
C TRP B 527 -5.83 -12.06 -21.84
N THR B 528 -6.97 -11.39 -22.02
CA THR B 528 -8.23 -11.94 -21.55
C THR B 528 -8.44 -13.33 -22.15
N ALA B 529 -8.28 -13.45 -23.47
CA ALA B 529 -8.35 -14.76 -24.09
C ALA B 529 -7.24 -15.69 -23.57
N GLN B 530 -6.01 -15.18 -23.41
CA GLN B 530 -4.94 -16.05 -22.94
C GLN B 530 -5.21 -16.59 -21.53
N LEU B 531 -5.71 -15.72 -20.62
CA LEU B 531 -5.88 -16.07 -19.20
C LEU B 531 -7.05 -16.99 -18.99
N LEU B 532 -8.06 -16.93 -19.86
CA LEU B 532 -9.22 -17.79 -19.71
C LEU B 532 -8.95 -19.26 -20.05
N HIS B 533 -7.92 -19.54 -20.85
CA HIS B 533 -7.74 -20.88 -21.40
C HIS B 533 -6.33 -21.42 -21.27
N SER B 534 -5.41 -20.68 -20.62
CA SER B 534 -4.06 -21.14 -20.39
C SER B 534 -4.01 -22.21 -19.29
N GLN B 535 -2.96 -23.04 -19.35
CA GLN B 535 -2.77 -24.06 -18.33
C GLN B 535 -2.28 -23.44 -17.04
N ARG B 536 -1.33 -22.51 -17.14
CA ARG B 536 -0.85 -21.77 -15.97
C ARG B 536 -1.89 -20.72 -15.56
N HIS B 537 -1.57 -19.96 -14.51
CA HIS B 537 -2.43 -18.87 -14.04
C HIS B 537 -1.56 -17.76 -13.48
N ILE B 538 -2.16 -16.58 -13.31
CA ILE B 538 -1.53 -15.45 -12.64
C ILE B 538 -2.08 -15.34 -11.21
N ASN B 539 -1.21 -15.02 -10.24
CA ASN B 539 -1.64 -14.95 -8.83
C ASN B 539 -2.28 -13.63 -8.47
N GLU B 540 -1.62 -12.51 -8.80
CA GLU B 540 -2.18 -11.19 -8.60
C GLU B 540 -3.65 -11.13 -9.00
N ILE B 541 -4.44 -10.40 -8.20
CA ILE B 541 -5.87 -10.24 -8.47
C ILE B 541 -6.11 -9.21 -9.58
N THR B 542 -5.43 -8.07 -9.51
CA THR B 542 -5.63 -6.99 -10.46
C THR B 542 -4.42 -6.88 -11.40
N LEU B 543 -4.70 -6.85 -12.70
CA LEU B 543 -3.68 -6.86 -13.74
C LEU B 543 -3.83 -5.57 -14.52
N ASN B 544 -2.78 -4.75 -14.51
CA ASN B 544 -2.83 -3.40 -15.02
C ASN B 544 -2.10 -3.34 -16.35
N ILE B 545 -2.71 -2.68 -17.34
CA ILE B 545 -2.12 -2.54 -18.66
C ILE B 545 -1.55 -1.12 -18.78
N PRO B 546 -0.28 -0.95 -19.10
CA PRO B 546 0.31 0.38 -18.99
C PRO B 546 -0.02 1.28 -20.17
N ALA B 547 0.59 2.48 -20.23
CA ALA B 547 0.42 3.37 -21.37
C ALA B 547 1.48 3.00 -22.42
N ASN B 548 1.01 2.45 -23.54
CA ASN B 548 1.86 1.72 -24.47
C ASN B 548 1.14 1.46 -25.81
#